data_5HIA
#
_entry.id   5HIA
#
_cell.length_a   69.718
_cell.length_b   97.606
_cell.length_c   130.329
_cell.angle_alpha   90.00
_cell.angle_beta   90.00
_cell.angle_gamma   90.00
#
_symmetry.space_group_name_H-M   'P 21 21 21'
#
loop_
_entity.id
_entity.type
_entity.pdbx_description
1 polymer 'Hypoxanthine-guanine phosphoribosyltransferase'
2 non-polymer '[3-[(3~{R},4~{R})-3-(2-azanyl-6-oxidanylidene-1~{H}-purin-9-yl)-4-[(2~{S})-2-oxidanyl-2-phosphono-ethoxy]pyrrolidin-1-y l]-3-oxidanylidene-propyl]phosphonic acid'
3 non-polymer 'MAGNESIUM ION'
4 water water
#
_entity_poly.entity_id   1
_entity_poly.type   'polypeptide(L)'
_entity_poly.pdbx_seq_one_letter_code
;HHHHHHMATRSPGVVISDDEPGYDLDLFAIPNHYAEDLERVFIPHGLIMDRTERLARDVMKEMGGHHIVALCVLKGGYKF
FADLLDYIKALNRNSDRSIPMTVDFIRLKSYCNDQSTGDIKVIGGDDLSTLTGKNVLIVEDIIDTGKTMQTLLSLVRQYN
PKMVKVASLLVKRTPRSVGYKPDFVGFEIPDKFVVGYALDYNEYFRDLNHVAVISETGKAKYKA
;
_entity_poly.pdbx_strand_id   A,B,C,D
#
# COMPACT_ATOMS: atom_id res chain seq x y z
N THR A 9 -23.98 15.78 16.45
CA THR A 9 -22.72 16.18 17.06
C THR A 9 -21.60 15.25 16.61
N ARG A 10 -21.97 14.08 16.08
CA ARG A 10 -21.02 13.11 15.53
C ARG A 10 -21.13 13.06 14.01
N SER A 11 -20.04 12.65 13.36
CA SER A 11 -20.06 12.52 11.91
C SER A 11 -21.05 11.45 11.45
N PRO A 12 -21.94 11.81 10.51
CA PRO A 12 -22.87 10.83 9.94
C PRO A 12 -22.21 10.00 8.83
N GLY A 13 -20.89 10.14 8.68
CA GLY A 13 -20.17 9.48 7.60
C GLY A 13 -20.23 10.26 6.29
N VAL A 14 -19.56 9.72 5.28
CA VAL A 14 -19.66 10.24 3.93
C VAL A 14 -21.06 9.99 3.38
N VAL A 15 -21.81 11.04 3.11
CA VAL A 15 -23.16 10.83 2.66
C VAL A 15 -23.21 10.64 1.14
N ILE A 16 -23.68 9.47 0.72
CA ILE A 16 -23.87 9.18 -0.69
CA ILE A 16 -23.86 9.20 -0.69
C ILE A 16 -25.32 9.40 -1.04
N SER A 17 -25.57 10.31 -1.97
CA SER A 17 -26.94 10.72 -2.27
CA SER A 17 -26.92 10.73 -2.31
C SER A 17 -27.72 9.65 -3.04
N ASP A 18 -29.04 9.76 -3.01
CA ASP A 18 -29.90 8.83 -3.71
C ASP A 18 -29.65 8.80 -5.22
N ASP A 19 -29.20 9.92 -5.78
CA ASP A 19 -29.05 10.08 -7.23
CA ASP A 19 -29.06 10.04 -7.23
C ASP A 19 -27.63 9.84 -7.72
N GLU A 20 -26.74 9.46 -6.82
CA GLU A 20 -25.34 9.17 -7.14
CA GLU A 20 -25.37 9.24 -7.20
C GLU A 20 -25.26 8.19 -8.30
N PRO A 21 -24.66 8.59 -9.43
CA PRO A 21 -24.59 7.72 -10.60
C PRO A 21 -23.56 6.62 -10.46
N GLY A 22 -22.58 6.81 -9.59
CA GLY A 22 -21.45 5.91 -9.53
C GLY A 22 -20.55 6.12 -10.74
N TYR A 23 -19.73 5.12 -11.04
CA TYR A 23 -18.68 5.23 -12.05
C TYR A 23 -18.74 4.12 -13.09
N ASP A 24 -18.56 4.49 -14.36
CA ASP A 24 -18.37 3.52 -15.44
C ASP A 24 -17.30 2.50 -15.06
N LEU A 25 -17.63 1.20 -15.15
CA LEU A 25 -16.69 0.13 -14.81
C LEU A 25 -15.41 0.20 -15.64
N ASP A 26 -15.54 0.70 -16.86
CA ASP A 26 -14.43 0.74 -17.81
C ASP A 26 -13.33 1.73 -17.41
N LEU A 27 -13.60 2.53 -16.37
CA LEU A 27 -12.61 3.48 -15.86
C LEU A 27 -11.71 2.85 -14.79
N PHE A 28 -12.07 1.65 -14.35
CA PHE A 28 -11.37 1.00 -13.24
C PHE A 28 -10.87 -0.38 -13.62
N ALA A 29 -10.03 -0.96 -12.76
CA ALA A 29 -9.60 -2.34 -12.90
C ALA A 29 -10.63 -3.21 -12.21
N ILE A 30 -11.28 -4.09 -12.96
CA ILE A 30 -12.37 -4.94 -12.48
C ILE A 30 -12.06 -6.41 -12.80
N PRO A 31 -12.30 -7.35 -11.87
CA PRO A 31 -12.05 -8.76 -12.22
C PRO A 31 -12.91 -9.20 -13.40
N ASN A 32 -12.29 -9.87 -14.36
N ASN A 32 -12.34 -9.87 -14.39
CA ASN A 32 -12.95 -10.31 -15.59
CA ASN A 32 -13.11 -10.16 -15.59
C ASN A 32 -14.21 -11.12 -15.36
C ASN A 32 -14.27 -11.12 -15.35
N HIS A 33 -14.20 -11.94 -14.32
CA HIS A 33 -15.31 -12.86 -14.08
C HIS A 33 -16.58 -12.13 -13.58
N TYR A 34 -16.45 -10.84 -13.28
CA TYR A 34 -17.58 -10.03 -12.82
C TYR A 34 -17.95 -8.91 -13.81
N ALA A 35 -17.33 -8.92 -14.99
CA ALA A 35 -17.49 -7.80 -15.94
C ALA A 35 -18.95 -7.53 -16.34
N GLU A 36 -19.73 -8.60 -16.48
CA GLU A 36 -21.12 -8.49 -16.93
C GLU A 36 -22.09 -8.45 -15.76
N ASP A 37 -21.56 -8.68 -14.57
CA ASP A 37 -22.36 -8.90 -13.37
C ASP A 37 -22.50 -7.65 -12.52
N LEU A 38 -21.74 -6.62 -12.88
CA LEU A 38 -21.77 -5.34 -12.16
C LEU A 38 -22.31 -4.25 -13.05
N GLU A 39 -23.05 -3.31 -12.46
CA GLU A 39 -23.61 -2.22 -13.25
C GLU A 39 -22.71 -1.00 -13.21
N ARG A 40 -22.25 -0.64 -12.02
CA ARG A 40 -21.41 0.56 -11.80
C ARG A 40 -20.50 0.34 -10.60
N VAL A 41 -19.37 1.05 -10.56
CA VAL A 41 -18.63 1.16 -9.33
C VAL A 41 -19.32 2.21 -8.45
N PHE A 42 -19.58 1.85 -7.19
CA PHE A 42 -20.40 2.71 -6.34
C PHE A 42 -19.55 3.49 -5.34
N ILE A 43 -18.65 2.79 -4.66
CA ILE A 43 -17.64 3.43 -3.81
C ILE A 43 -16.29 2.80 -4.15
N PRO A 44 -15.40 3.56 -4.81
CA PRO A 44 -14.07 3.03 -5.15
C PRO A 44 -13.31 2.55 -3.92
N HIS A 45 -12.58 1.47 -4.07
CA HIS A 45 -11.77 0.91 -2.99
C HIS A 45 -10.90 1.96 -2.31
N GLY A 46 -10.25 2.81 -3.11
CA GLY A 46 -9.34 3.78 -2.55
C GLY A 46 -10.02 4.79 -1.66
N LEU A 47 -11.25 5.14 -2.02
CA LEU A 47 -12.07 6.03 -1.19
C LEU A 47 -12.44 5.35 0.14
N ILE A 48 -12.73 4.06 0.09
CA ILE A 48 -12.94 3.31 1.33
C ILE A 48 -11.70 3.39 2.22
N MET A 49 -10.51 3.23 1.64
CA MET A 49 -9.30 3.34 2.45
C MET A 49 -9.14 4.72 3.08
N ASP A 50 -9.34 5.78 2.30
CA ASP A 50 -9.19 7.14 2.81
C ASP A 50 -10.12 7.39 3.99
N ARG A 51 -11.36 6.94 3.85
CA ARG A 51 -12.34 7.16 4.91
C ARG A 51 -11.97 6.32 6.14
N THR A 52 -11.50 5.12 5.89
CA THR A 52 -11.13 4.20 6.96
C THR A 52 -9.94 4.76 7.74
N GLU A 53 -8.97 5.35 7.04
CA GLU A 53 -7.86 6.01 7.72
C GLU A 53 -8.33 7.04 8.75
N ARG A 54 -9.30 7.87 8.35
CA ARG A 54 -9.84 8.88 9.26
C ARG A 54 -10.58 8.22 10.41
N LEU A 55 -11.36 7.19 10.10
CA LEU A 55 -12.11 6.46 11.14
C LEU A 55 -11.18 5.85 12.19
N ALA A 56 -10.00 5.39 11.75
CA ALA A 56 -9.05 4.80 12.69
C ALA A 56 -8.59 5.84 13.72
N ARG A 57 -8.34 7.06 13.24
CA ARG A 57 -7.94 8.13 14.14
C ARG A 57 -9.06 8.45 15.12
N ASP A 58 -10.29 8.53 14.63
CA ASP A 58 -11.45 8.78 15.48
C ASP A 58 -11.58 7.70 16.56
N VAL A 59 -11.33 6.45 16.16
CA VAL A 59 -11.40 5.33 17.10
C VAL A 59 -10.37 5.48 18.21
N MET A 60 -9.13 5.79 17.85
CA MET A 60 -8.08 5.91 18.86
C MET A 60 -8.33 7.11 19.76
N LYS A 61 -8.95 8.14 19.20
CA LYS A 61 -9.30 9.31 19.97
C LYS A 61 -10.28 8.95 21.11
N GLU A 62 -11.29 8.15 20.79
CA GLU A 62 -12.33 7.82 21.77
C GLU A 62 -12.01 6.60 22.63
N MET A 63 -11.22 5.67 22.11
CA MET A 63 -11.08 4.36 22.75
C MET A 63 -9.65 4.02 23.17
N GLY A 64 -8.68 4.83 22.76
CA GLY A 64 -7.28 4.54 22.99
C GLY A 64 -6.76 4.67 24.41
N GLY A 65 -7.65 4.98 25.35
CA GLY A 65 -7.24 5.13 26.74
C GLY A 65 -7.11 3.83 27.51
N HIS A 66 -7.55 2.73 26.90
CA HIS A 66 -7.55 1.44 27.58
C HIS A 66 -7.56 0.33 26.55
N HIS A 67 -7.02 -0.83 26.94
CA HIS A 67 -6.96 -2.04 26.10
C HIS A 67 -8.20 -2.22 25.22
N ILE A 68 -7.96 -2.25 23.92
CA ILE A 68 -9.04 -2.42 22.93
C ILE A 68 -9.15 -3.86 22.46
N VAL A 69 -10.35 -4.41 22.48
CA VAL A 69 -10.63 -5.67 21.78
C VAL A 69 -11.47 -5.38 20.54
N ALA A 70 -10.90 -5.65 19.36
CA ALA A 70 -11.65 -5.52 18.12
C ALA A 70 -12.38 -6.82 17.80
N LEU A 71 -13.71 -6.72 17.73
CA LEU A 71 -14.55 -7.87 17.42
C LEU A 71 -15.05 -7.80 15.98
N CYS A 72 -14.62 -8.72 15.13
CA CYS A 72 -15.00 -8.75 13.72
C CYS A 72 -16.28 -9.55 13.50
N VAL A 73 -17.30 -8.95 12.87
CA VAL A 73 -18.53 -9.68 12.57
C VAL A 73 -18.46 -10.31 11.18
N LEU A 74 -18.29 -11.62 11.16
CA LEU A 74 -18.09 -12.40 9.93
C LEU A 74 -19.43 -12.67 9.26
N LYS A 75 -19.44 -12.88 7.94
CA LYS A 75 -18.25 -12.85 7.08
C LYS A 75 -17.95 -11.46 6.54
N GLY A 76 -19.01 -10.68 6.34
CA GLY A 76 -18.93 -9.41 5.64
C GLY A 76 -17.98 -8.39 6.24
N GLY A 77 -17.80 -8.44 7.55
CA GLY A 77 -16.95 -7.46 8.19
C GLY A 77 -15.45 -7.66 7.99
N TYR A 78 -15.02 -8.79 7.45
CA TYR A 78 -13.60 -9.17 7.50
C TYR A 78 -12.65 -8.17 6.80
N LYS A 79 -13.05 -7.60 5.68
CA LYS A 79 -12.15 -6.69 4.93
C LYS A 79 -11.97 -5.36 5.67
N PHE A 80 -13.10 -4.74 6.01
CA PHE A 80 -13.14 -3.51 6.80
C PHE A 80 -12.38 -3.69 8.11
N PHE A 81 -12.59 -4.84 8.76
CA PHE A 81 -11.90 -5.17 10.00
C PHE A 81 -10.36 -5.16 9.81
N ALA A 82 -9.89 -5.90 8.81
CA ALA A 82 -8.45 -6.02 8.61
C ALA A 82 -7.84 -4.65 8.28
N ASP A 83 -8.51 -3.88 7.43
CA ASP A 83 -7.97 -2.56 7.03
C ASP A 83 -8.03 -1.54 8.15
N LEU A 84 -9.17 -1.48 8.84
CA LEU A 84 -9.30 -0.58 9.95
C LEU A 84 -8.24 -0.89 11.02
N LEU A 85 -8.03 -2.17 11.31
CA LEU A 85 -7.00 -2.55 12.28
C LEU A 85 -5.60 -2.19 11.81
N ASP A 86 -5.32 -2.34 10.53
CA ASP A 86 -4.01 -1.96 10.01
C ASP A 86 -3.74 -0.46 10.19
N TYR A 87 -4.76 0.37 10.02
CA TYR A 87 -4.61 1.81 10.23
C TYR A 87 -4.45 2.14 11.71
N ILE A 88 -5.19 1.44 12.58
CA ILE A 88 -5.00 1.61 14.03
C ILE A 88 -3.58 1.19 14.44
N LYS A 89 -3.11 0.07 13.90
CA LYS A 89 -1.74 -0.36 14.17
C LYS A 89 -0.70 0.68 13.77
N ALA A 90 -0.89 1.29 12.60
CA ALA A 90 0.04 2.34 12.14
C ALA A 90 0.07 3.51 13.13
N LEU A 91 -1.10 3.91 13.61
CA LEU A 91 -1.18 4.97 14.61
C LEU A 91 -0.43 4.58 15.88
N ASN A 92 -0.53 3.31 16.24
CA ASN A 92 0.06 2.85 17.48
C ASN A 92 1.59 2.70 17.44
N ARG A 93 2.19 2.60 16.26
CA ARG A 93 3.63 2.43 16.23
C ARG A 93 4.39 3.66 15.74
N ASN A 94 3.67 4.72 15.41
CA ASN A 94 4.37 5.93 14.95
C ASN A 94 4.22 7.05 15.96
N SER A 95 3.93 6.66 17.19
CA SER A 95 3.86 7.59 18.31
CA SER A 95 3.84 7.59 18.31
C SER A 95 4.39 6.95 19.57
N ASP A 96 4.85 7.79 20.50
CA ASP A 96 5.34 7.34 21.79
C ASP A 96 4.23 6.67 22.60
N ARG A 97 3.00 7.10 22.34
CA ARG A 97 1.83 6.61 23.05
C ARG A 97 1.15 5.47 22.28
N SER A 98 0.79 4.40 23.00
CA SER A 98 0.06 3.30 22.40
C SER A 98 -0.68 2.48 23.45
N ILE A 99 -1.54 1.57 22.98
CA ILE A 99 -2.39 0.78 23.85
C ILE A 99 -2.49 -0.63 23.26
N PRO A 100 -2.46 -1.67 24.11
CA PRO A 100 -2.58 -3.03 23.59
C PRO A 100 -3.90 -3.26 22.86
N MET A 101 -3.90 -4.16 21.88
CA MET A 101 -5.12 -4.50 21.17
C MET A 101 -5.20 -6.00 20.92
N THR A 102 -6.34 -6.60 21.26
CA THR A 102 -6.58 -8.01 20.96
C THR A 102 -7.71 -8.12 19.95
N VAL A 103 -7.84 -9.29 19.33
CA VAL A 103 -8.85 -9.46 18.29
C VAL A 103 -9.71 -10.69 18.53
N ASP A 104 -10.97 -10.60 18.13
CA ASP A 104 -11.80 -11.81 18.13
C ASP A 104 -12.78 -11.76 16.97
N PHE A 105 -13.43 -12.89 16.74
CA PHE A 105 -14.32 -13.04 15.61
C PHE A 105 -15.62 -13.68 16.08
N ILE A 106 -16.73 -13.22 15.54
CA ILE A 106 -18.02 -13.83 15.81
C ILE A 106 -18.79 -13.83 14.50
N ARG A 107 -19.59 -14.88 14.28
CA ARG A 107 -20.40 -14.96 13.07
C ARG A 107 -21.86 -15.10 13.41
N LEU A 108 -22.70 -14.30 12.75
CA LEU A 108 -24.15 -14.38 12.94
C LEU A 108 -24.84 -14.74 11.63
N ILE A 120 -31.63 -14.67 15.12
CA ILE A 120 -30.22 -14.34 15.24
C ILE A 120 -29.47 -15.33 16.13
N LYS A 121 -28.52 -16.06 15.55
CA LYS A 121 -27.74 -17.02 16.30
C LYS A 121 -26.25 -16.74 16.18
N VAL A 122 -25.54 -16.96 17.29
CA VAL A 122 -24.11 -16.66 17.40
C VAL A 122 -23.25 -17.91 17.23
N ILE A 123 -22.13 -17.79 16.52
CA ILE A 123 -21.17 -18.89 16.40
C ILE A 123 -19.73 -18.44 16.65
N ASP A 127 -17.26 -18.02 23.25
CA ASP A 127 -16.41 -17.73 24.40
C ASP A 127 -15.92 -16.28 24.34
N LEU A 128 -16.73 -15.37 24.88
CA LEU A 128 -16.44 -13.94 24.78
C LEU A 128 -15.88 -13.34 26.09
N SER A 129 -15.21 -14.15 26.90
CA SER A 129 -14.52 -13.65 28.08
C SER A 129 -13.40 -12.67 27.70
N THR A 130 -12.99 -12.74 26.44
CA THR A 130 -12.00 -11.80 25.89
C THR A 130 -12.52 -10.35 25.80
N LEU A 131 -13.74 -10.12 26.27
CA LEU A 131 -14.37 -8.80 26.19
C LEU A 131 -14.41 -8.08 27.54
N THR A 132 -14.45 -8.86 28.62
CA THR A 132 -14.61 -8.35 29.98
C THR A 132 -13.55 -7.34 30.39
N GLY A 133 -13.99 -6.19 30.91
CA GLY A 133 -13.10 -5.15 31.40
C GLY A 133 -12.33 -4.41 30.33
N LYS A 134 -12.70 -4.59 29.06
CA LYS A 134 -11.92 -3.98 27.99
C LYS A 134 -12.76 -3.05 27.13
N ASN A 135 -12.08 -2.29 26.26
CA ASN A 135 -12.75 -1.39 25.33
C ASN A 135 -13.10 -2.15 24.04
N VAL A 136 -14.37 -2.50 23.90
CA VAL A 136 -14.77 -3.37 22.79
C VAL A 136 -15.19 -2.58 21.56
N LEU A 137 -14.52 -2.84 20.44
CA LEU A 137 -14.90 -2.27 19.16
C LEU A 137 -15.50 -3.36 18.27
N ILE A 138 -16.80 -3.28 18.03
CA ILE A 138 -17.47 -4.20 17.12
C ILE A 138 -17.35 -3.65 15.69
N VAL A 139 -16.90 -4.50 14.76
CA VAL A 139 -16.68 -4.04 13.41
C VAL A 139 -17.59 -4.74 12.40
N GLU A 140 -18.42 -3.95 11.73
CA GLU A 140 -19.46 -4.47 10.85
C GLU A 140 -19.31 -3.92 9.42
N ASP A 141 -19.84 -4.65 8.43
CA ASP A 141 -19.84 -4.16 7.05
C ASP A 141 -20.99 -3.18 6.84
N ILE A 142 -22.19 -3.54 7.30
CA ILE A 142 -23.33 -2.71 7.01
C ILE A 142 -24.45 -2.83 8.05
N ILE A 143 -25.03 -1.68 8.36
CA ILE A 143 -26.23 -1.60 9.19
C ILE A 143 -27.39 -1.25 8.28
N ASP A 144 -28.43 -2.08 8.32
CA ASP A 144 -29.62 -1.88 7.51
C ASP A 144 -30.78 -1.60 8.47
N THR A 145 -31.45 -2.65 8.95
CA THR A 145 -32.53 -2.45 9.90
C THR A 145 -31.98 -2.06 11.26
N GLY A 146 -30.78 -2.59 11.58
CA GLY A 146 -30.19 -2.38 12.89
C GLY A 146 -30.49 -3.51 13.89
N LYS A 147 -31.39 -4.43 13.53
CA LYS A 147 -31.81 -5.51 14.41
CA LYS A 147 -31.79 -5.47 14.45
C LYS A 147 -30.64 -6.40 14.84
N THR A 148 -29.73 -6.67 13.91
CA THR A 148 -28.59 -7.55 14.20
C THR A 148 -27.67 -6.91 15.24
N MET A 149 -27.35 -5.63 15.06
CA MET A 149 -26.47 -4.94 15.99
C MET A 149 -27.08 -4.80 17.38
N GLN A 150 -28.38 -4.52 17.46
CA GLN A 150 -29.06 -4.41 18.74
CA GLN A 150 -29.02 -4.39 18.76
C GLN A 150 -29.00 -5.74 19.48
N THR A 151 -29.11 -6.82 18.72
CA THR A 151 -29.04 -8.17 19.29
C THR A 151 -27.60 -8.51 19.76
N LEU A 152 -26.61 -8.14 18.95
CA LEU A 152 -25.23 -8.41 19.34
C LEU A 152 -24.81 -7.59 20.56
N LEU A 153 -25.15 -6.30 20.55
CA LEU A 153 -24.87 -5.43 21.69
C LEU A 153 -25.42 -5.97 23.01
N SER A 154 -26.65 -6.47 23.00
CA SER A 154 -27.26 -6.93 24.24
C SER A 154 -26.53 -8.17 24.75
N LEU A 155 -26.02 -8.99 23.83
CA LEU A 155 -25.19 -10.13 24.18
C LEU A 155 -23.81 -9.72 24.67
N VAL A 156 -23.17 -8.78 23.96
CA VAL A 156 -21.82 -8.36 24.36
C VAL A 156 -21.83 -7.72 25.75
N ARG A 157 -22.88 -6.96 26.10
CA ARG A 157 -22.89 -6.27 27.39
C ARG A 157 -22.97 -7.24 28.57
N GLN A 158 -23.39 -8.48 28.30
CA GLN A 158 -23.48 -9.48 29.37
C GLN A 158 -22.10 -9.91 29.87
N TYR A 159 -21.07 -9.59 29.09
CA TYR A 159 -19.70 -9.97 29.43
C TYR A 159 -18.99 -8.84 30.14
N ASN A 160 -19.77 -7.86 30.57
CA ASN A 160 -19.29 -6.69 31.32
C ASN A 160 -18.02 -6.02 30.76
N PRO A 161 -18.09 -5.54 29.51
CA PRO A 161 -16.97 -4.77 28.97
C PRO A 161 -16.90 -3.39 29.59
N LYS A 162 -15.74 -2.73 29.47
CA LYS A 162 -15.58 -1.39 30.01
C LYS A 162 -16.36 -0.38 29.18
N MET A 163 -16.34 -0.59 27.87
CA MET A 163 -16.98 0.29 26.92
C MET A 163 -17.29 -0.55 25.69
N VAL A 164 -18.37 -0.25 24.98
CA VAL A 164 -18.64 -0.86 23.68
C VAL A 164 -19.00 0.20 22.66
N LYS A 165 -18.30 0.17 21.54
CA LYS A 165 -18.57 1.01 20.38
C LYS A 165 -18.70 0.15 19.13
N VAL A 166 -19.38 0.67 18.11
CA VAL A 166 -19.56 -0.06 16.86
C VAL A 166 -19.11 0.77 15.67
N ALA A 167 -18.22 0.20 14.86
CA ALA A 167 -17.86 0.84 13.60
C ALA A 167 -18.50 0.04 12.48
N SER A 168 -19.22 0.73 11.60
CA SER A 168 -19.81 0.09 10.44
C SER A 168 -19.38 0.83 9.19
N LEU A 169 -18.84 0.08 8.23
CA LEU A 169 -18.44 0.67 6.97
C LEU A 169 -19.58 1.44 6.34
N LEU A 170 -20.75 0.80 6.32
CA LEU A 170 -21.91 1.35 5.64
C LEU A 170 -23.12 1.42 6.57
N VAL A 171 -23.89 2.50 6.43
CA VAL A 171 -25.21 2.58 7.04
C VAL A 171 -26.19 2.92 5.95
N LYS A 172 -27.27 2.15 5.88
CA LYS A 172 -28.26 2.32 4.84
C LYS A 172 -29.44 3.20 5.30
N ARG A 173 -29.84 4.17 4.47
CA ARG A 173 -31.04 4.95 4.74
C ARG A 173 -32.27 4.13 4.38
N THR A 174 -33.08 3.76 5.37
CA THR A 174 -34.21 2.89 5.11
C THR A 174 -35.33 3.12 6.10
N PRO A 175 -36.59 2.99 5.64
CA PRO A 175 -37.72 3.14 6.55
C PRO A 175 -37.81 1.99 7.55
N ARG A 176 -37.08 0.91 7.30
CA ARG A 176 -37.15 -0.30 8.12
C ARG A 176 -36.20 -0.23 9.32
N SER A 177 -35.48 0.88 9.43
CA SER A 177 -34.52 1.08 10.51
C SER A 177 -35.20 1.17 11.87
N VAL A 178 -34.64 0.50 12.87
CA VAL A 178 -35.16 0.59 14.24
C VAL A 178 -34.41 1.68 15.02
N GLY A 179 -33.69 2.52 14.28
CA GLY A 179 -33.04 3.67 14.89
C GLY A 179 -31.65 3.46 15.45
N TYR A 180 -31.05 2.29 15.27
CA TYR A 180 -29.70 2.09 15.78
C TYR A 180 -28.66 2.86 14.95
N LYS A 181 -27.84 3.66 15.64
CA LYS A 181 -26.78 4.40 14.97
C LYS A 181 -25.43 3.95 15.51
N PRO A 182 -24.54 3.48 14.62
CA PRO A 182 -23.22 3.10 15.13
C PRO A 182 -22.39 4.32 15.53
N ASP A 183 -21.33 4.09 16.29
CA ASP A 183 -20.48 5.17 16.76
C ASP A 183 -19.56 5.69 15.68
N PHE A 184 -19.12 4.80 14.78
CA PHE A 184 -18.27 5.17 13.68
C PHE A 184 -18.89 4.65 12.39
N VAL A 185 -19.03 5.55 11.41
CA VAL A 185 -19.66 5.22 10.13
CA VAL A 185 -19.65 5.22 10.13
C VAL A 185 -18.78 5.65 8.96
N GLY A 186 -18.50 4.73 8.04
CA GLY A 186 -17.76 5.12 6.85
C GLY A 186 -18.61 5.93 5.89
N PHE A 187 -19.70 5.32 5.40
CA PHE A 187 -20.54 5.92 4.37
C PHE A 187 -22.01 5.68 4.68
N GLU A 188 -22.86 6.69 4.46
CA GLU A 188 -24.30 6.52 4.57
C GLU A 188 -24.86 6.43 3.16
N ILE A 189 -25.53 5.32 2.86
CA ILE A 189 -25.90 5.03 1.48
C ILE A 189 -27.41 4.93 1.30
N PRO A 190 -27.88 5.07 0.05
CA PRO A 190 -29.32 4.88 -0.19
C PRO A 190 -29.74 3.43 -0.10
N ASP A 191 -31.05 3.21 -0.19
CA ASP A 191 -31.68 1.90 -0.09
C ASP A 191 -31.47 1.12 -1.39
N LYS A 192 -30.22 0.71 -1.61
CA LYS A 192 -29.79 -0.01 -2.80
C LYS A 192 -28.98 -1.21 -2.33
N PHE A 193 -29.06 -2.32 -3.04
CA PHE A 193 -28.25 -3.48 -2.68
C PHE A 193 -26.85 -3.36 -3.28
N VAL A 194 -25.84 -3.35 -2.42
CA VAL A 194 -24.47 -3.16 -2.88
C VAL A 194 -23.66 -4.42 -2.55
N VAL A 195 -22.58 -4.63 -3.30
CA VAL A 195 -21.70 -5.78 -3.11
C VAL A 195 -20.24 -5.32 -3.20
N GLY A 196 -19.31 -6.21 -2.83
CA GLY A 196 -17.89 -5.86 -2.91
C GLY A 196 -17.30 -5.51 -1.57
N TYR A 197 -15.96 -5.53 -1.50
CA TYR A 197 -15.23 -5.25 -0.27
C TYR A 197 -15.80 -6.17 0.85
N ALA A 198 -15.93 -7.44 0.48
CA ALA A 198 -16.45 -8.55 1.31
C ALA A 198 -17.98 -8.58 1.50
N LEU A 199 -18.70 -7.57 1.02
CA LEU A 199 -20.16 -7.67 0.99
C LEU A 199 -20.61 -8.59 -0.14
N ASP A 200 -21.43 -9.58 0.18
CA ASP A 200 -21.76 -10.60 -0.81
C ASP A 200 -23.18 -10.57 -1.33
N TYR A 201 -23.35 -11.26 -2.45
CA TYR A 201 -24.66 -11.66 -2.91
C TYR A 201 -24.61 -13.17 -3.11
N ASN A 202 -25.24 -13.90 -2.19
CA ASN A 202 -25.19 -15.36 -2.19
C ASN A 202 -23.73 -15.88 -2.25
N GLU A 203 -22.89 -15.25 -1.43
CA GLU A 203 -21.47 -15.59 -1.24
C GLU A 203 -20.53 -15.10 -2.36
N TYR A 204 -21.10 -14.61 -3.46
CA TYR A 204 -20.26 -14.02 -4.52
C TYR A 204 -20.00 -12.54 -4.26
N PHE A 205 -19.00 -12.02 -4.99
CA PHE A 205 -18.58 -10.61 -4.94
C PHE A 205 -17.79 -10.22 -3.70
N ARG A 206 -17.46 -11.18 -2.84
CA ARG A 206 -16.60 -10.88 -1.72
C ARG A 206 -15.19 -10.58 -2.23
N ASP A 207 -14.81 -11.25 -3.32
CA ASP A 207 -13.49 -11.11 -3.93
C ASP A 207 -13.47 -9.93 -4.90
N LEU A 208 -13.83 -8.76 -4.38
CA LEU A 208 -13.89 -7.57 -5.22
C LEU A 208 -13.49 -6.41 -4.33
N ASN A 209 -12.59 -5.55 -4.80
CA ASN A 209 -12.06 -4.52 -3.92
C ASN A 209 -13.01 -3.33 -3.79
N HIS A 210 -13.73 -2.99 -4.86
CA HIS A 210 -14.65 -1.84 -4.86
C HIS A 210 -16.00 -2.23 -4.32
N VAL A 211 -16.77 -1.25 -3.82
CA VAL A 211 -18.17 -1.52 -3.55
C VAL A 211 -18.93 -1.13 -4.81
N ALA A 212 -19.83 -1.98 -5.25
CA ALA A 212 -20.50 -1.78 -6.52
C ALA A 212 -21.98 -2.17 -6.45
N VAL A 213 -22.72 -1.71 -7.45
CA VAL A 213 -24.11 -2.11 -7.61
C VAL A 213 -24.14 -3.25 -8.60
N ILE A 214 -24.96 -4.25 -8.29
CA ILE A 214 -25.02 -5.46 -9.10
C ILE A 214 -26.01 -5.25 -10.24
N SER A 215 -25.67 -5.75 -11.43
CA SER A 215 -26.55 -5.63 -12.59
C SER A 215 -27.67 -6.65 -12.55
N GLU A 216 -28.53 -6.62 -13.56
CA GLU A 216 -29.62 -7.58 -13.68
CA GLU A 216 -29.63 -7.58 -13.70
C GLU A 216 -29.08 -8.95 -14.06
N THR A 217 -28.00 -8.97 -14.83
CA THR A 217 -27.35 -10.21 -15.24
C THR A 217 -26.75 -10.94 -14.03
N GLY A 218 -25.94 -10.22 -13.25
CA GLY A 218 -25.32 -10.79 -12.07
C GLY A 218 -26.33 -11.21 -11.03
N LYS A 219 -27.38 -10.42 -10.88
CA LYS A 219 -28.48 -10.69 -9.96
C LYS A 219 -29.10 -12.07 -10.21
N ALA A 220 -29.23 -12.42 -11.48
CA ALA A 220 -29.85 -13.69 -11.86
C ALA A 220 -28.84 -14.82 -11.95
N LYS A 221 -27.61 -14.51 -12.35
CA LYS A 221 -26.56 -15.51 -12.50
C LYS A 221 -26.23 -16.17 -11.17
N TYR A 222 -26.06 -15.34 -10.14
CA TYR A 222 -25.66 -15.84 -8.82
C TYR A 222 -26.86 -15.94 -7.89
N LYS A 223 -28.05 -15.93 -8.47
CA LYS A 223 -29.28 -16.06 -7.70
C LYS A 223 -29.38 -17.45 -7.05
N ALA A 224 -29.93 -17.48 -5.84
CA ALA A 224 -30.21 -18.74 -5.16
C ALA A 224 -31.63 -19.21 -5.45
N ARG B 10 -12.24 7.71 -25.50
CA ARG B 10 -11.00 6.96 -25.63
C ARG B 10 -10.32 6.39 -24.35
N SER B 11 -10.65 6.82 -23.11
CA SER B 11 -11.81 7.58 -22.68
C SER B 11 -11.50 9.06 -22.44
N PRO B 12 -12.53 9.88 -22.13
CA PRO B 12 -12.23 11.22 -21.61
C PRO B 12 -11.71 11.18 -20.18
N GLY B 13 -11.64 9.98 -19.59
CA GLY B 13 -11.24 9.85 -18.20
C GLY B 13 -12.46 9.89 -17.29
N VAL B 14 -12.22 9.89 -15.98
CA VAL B 14 -13.30 10.04 -15.03
C VAL B 14 -13.80 11.48 -15.07
N VAL B 15 -15.04 11.68 -15.49
CA VAL B 15 -15.55 13.04 -15.66
C VAL B 15 -16.11 13.59 -14.37
N ILE B 16 -15.49 14.66 -13.88
CA ILE B 16 -15.98 15.37 -12.71
C ILE B 16 -16.75 16.62 -13.11
N SER B 17 -18.03 16.65 -12.78
CA SER B 17 -18.92 17.67 -13.31
C SER B 17 -18.65 19.06 -12.72
N ASP B 18 -19.13 20.10 -13.41
CA ASP B 18 -18.96 21.47 -12.95
C ASP B 18 -19.56 21.71 -11.56
N ASP B 19 -20.64 20.99 -11.23
CA ASP B 19 -21.35 21.22 -9.98
C ASP B 19 -20.96 20.23 -8.87
N GLU B 20 -19.87 19.50 -9.10
CA GLU B 20 -19.33 18.58 -8.12
C GLU B 20 -19.06 19.26 -6.78
N PRO B 21 -19.75 18.82 -5.71
CA PRO B 21 -19.59 19.48 -4.41
C PRO B 21 -18.28 19.15 -3.68
N GLY B 22 -17.61 18.05 -4.04
CA GLY B 22 -16.45 17.61 -3.27
C GLY B 22 -16.86 17.08 -1.89
N TYR B 23 -15.88 16.86 -1.03
CA TYR B 23 -16.15 16.31 0.31
C TYR B 23 -15.74 17.24 1.43
N ASP B 24 -16.53 17.24 2.51
CA ASP B 24 -16.16 17.86 3.78
C ASP B 24 -14.77 17.39 4.24
N LEU B 25 -13.88 18.33 4.56
CA LEU B 25 -12.53 17.98 5.03
C LEU B 25 -12.51 17.11 6.28
N ASP B 26 -13.54 17.25 7.12
CA ASP B 26 -13.59 16.56 8.40
CA ASP B 26 -13.64 16.58 8.40
C ASP B 26 -13.86 15.06 8.25
N LEU B 27 -14.12 14.61 7.02
CA LEU B 27 -14.36 13.20 6.75
C LEU B 27 -13.06 12.45 6.45
N PHE B 28 -11.99 13.20 6.26
CA PHE B 28 -10.71 12.64 5.84
C PHE B 28 -9.60 13.00 6.80
N ALA B 29 -8.45 12.35 6.62
CA ALA B 29 -7.24 12.71 7.32
C ALA B 29 -6.51 13.79 6.51
N ILE B 30 -6.27 14.94 7.14
CA ILE B 30 -5.78 16.14 6.49
C ILE B 30 -4.67 16.72 7.36
N PRO B 31 -3.52 17.11 6.76
CA PRO B 31 -2.46 17.76 7.57
C PRO B 31 -3.00 18.97 8.31
N ASN B 32 -2.74 19.07 9.61
CA ASN B 32 -3.28 20.19 10.37
C ASN B 32 -2.84 21.56 9.86
N HIS B 33 -1.66 21.65 9.26
CA HIS B 33 -1.16 22.97 8.86
C HIS B 33 -1.91 23.50 7.65
N TYR B 34 -2.79 22.69 7.05
CA TYR B 34 -3.64 23.16 5.95
C TYR B 34 -5.11 23.19 6.32
N ALA B 35 -5.40 23.07 7.61
CA ALA B 35 -6.78 22.87 8.09
C ALA B 35 -7.73 24.00 7.70
N GLU B 36 -7.21 25.22 7.60
CA GLU B 36 -8.05 26.37 7.26
CA GLU B 36 -8.07 26.35 7.25
C GLU B 36 -7.76 26.87 5.86
N ASP B 37 -6.88 26.17 5.15
CA ASP B 37 -6.43 26.62 3.84
C ASP B 37 -7.12 25.94 2.68
N LEU B 38 -7.91 24.91 3.00
CA LEU B 38 -8.61 24.14 1.98
C LEU B 38 -10.11 24.30 2.12
N GLU B 39 -10.84 24.22 1.01
CA GLU B 39 -12.29 24.36 1.09
C GLU B 39 -12.98 23.00 1.15
N ARG B 40 -12.52 22.08 0.29
CA ARG B 40 -13.11 20.75 0.14
C ARG B 40 -12.05 19.80 -0.37
N VAL B 41 -12.26 18.50 -0.12
CA VAL B 41 -11.52 17.49 -0.84
C VAL B 41 -12.24 17.29 -2.18
N PHE B 42 -11.49 17.31 -3.28
CA PHE B 42 -12.08 17.28 -4.61
C PHE B 42 -11.95 15.90 -5.24
N ILE B 43 -10.75 15.31 -5.14
CA ILE B 43 -10.50 13.95 -5.59
C ILE B 43 -9.68 13.22 -4.52
N PRO B 44 -10.31 12.30 -3.78
CA PRO B 44 -9.61 11.57 -2.73
C PRO B 44 -8.40 10.82 -3.28
N HIS B 45 -7.32 10.82 -2.50
CA HIS B 45 -6.11 10.14 -2.89
C HIS B 45 -6.33 8.71 -3.35
N GLY B 46 -7.20 8.00 -2.66
CA GLY B 46 -7.46 6.61 -3.00
C GLY B 46 -8.12 6.44 -4.36
N LEU B 47 -8.99 7.38 -4.73
CA LEU B 47 -9.62 7.37 -6.05
C LEU B 47 -8.58 7.64 -7.15
N ILE B 48 -7.65 8.55 -6.88
CA ILE B 48 -6.51 8.72 -7.79
C ILE B 48 -5.77 7.40 -8.00
N MET B 49 -5.49 6.70 -6.93
CA MET B 49 -4.78 5.43 -7.05
C MET B 49 -5.57 4.42 -7.88
N ASP B 50 -6.87 4.28 -7.62
CA ASP B 50 -7.72 3.36 -8.38
C ASP B 50 -7.72 3.66 -9.87
N ARG B 51 -7.81 4.96 -10.19
CA ARG B 51 -7.81 5.35 -11.59
C ARG B 51 -6.44 5.11 -12.20
N THR B 52 -5.37 5.42 -11.45
CA THR B 52 -4.00 5.24 -11.93
C THR B 52 -3.70 3.76 -12.20
N GLU B 53 -4.27 2.89 -11.39
CA GLU B 53 -4.10 1.45 -11.61
C GLU B 53 -4.63 1.05 -12.98
N ARG B 54 -5.80 1.55 -13.35
CA ARG B 54 -6.37 1.22 -14.65
C ARG B 54 -5.53 1.86 -15.76
N LEU B 55 -5.08 3.09 -15.54
CA LEU B 55 -4.24 3.77 -16.55
C LEU B 55 -2.96 2.98 -16.83
N ALA B 56 -2.36 2.39 -15.79
CA ALA B 56 -1.15 1.58 -15.98
C ALA B 56 -1.40 0.43 -16.96
N ARG B 57 -2.54 -0.23 -16.82
CA ARG B 57 -2.90 -1.34 -17.72
C ARG B 57 -3.15 -0.82 -19.14
N ASP B 58 -3.80 0.34 -19.24
CA ASP B 58 -4.03 0.98 -20.53
C ASP B 58 -2.72 1.32 -21.24
N VAL B 59 -1.79 1.90 -20.49
CA VAL B 59 -0.46 2.25 -21.02
C VAL B 59 0.28 1.01 -21.54
N MET B 60 0.27 -0.08 -20.77
CA MET B 60 1.02 -1.25 -21.17
C MET B 60 0.39 -1.91 -22.39
N LYS B 61 -0.93 -1.83 -22.49
CA LYS B 61 -1.61 -2.41 -23.65
C LYS B 61 -1.16 -1.74 -24.94
N GLU B 62 -0.91 -0.44 -24.85
CA GLU B 62 -0.60 0.38 -26.02
C GLU B 62 0.90 0.53 -26.28
N MET B 63 1.71 0.55 -25.21
CA MET B 63 3.13 0.90 -25.32
C MET B 63 4.08 -0.22 -24.93
N GLY B 64 3.53 -1.36 -24.52
CA GLY B 64 4.32 -2.41 -23.92
C GLY B 64 5.10 -3.30 -24.87
N GLY B 65 5.03 -3.03 -26.18
CA GLY B 65 5.73 -3.85 -27.15
C GLY B 65 7.19 -3.52 -27.34
N HIS B 66 7.64 -2.39 -26.78
CA HIS B 66 9.00 -1.92 -26.98
C HIS B 66 9.43 -1.07 -25.81
N HIS B 67 10.75 -1.04 -25.58
CA HIS B 67 11.36 -0.21 -24.54
C HIS B 67 10.67 1.16 -24.39
N ILE B 68 10.18 1.43 -23.19
CA ILE B 68 9.52 2.69 -22.88
C ILE B 68 10.50 3.64 -22.19
N VAL B 69 10.55 4.89 -22.64
CA VAL B 69 11.23 5.93 -21.86
C VAL B 69 10.14 6.78 -21.23
N ALA B 70 10.09 6.78 -19.90
CA ALA B 70 9.07 7.54 -19.20
C ALA B 70 9.66 8.88 -18.78
N LEU B 71 9.04 9.95 -19.25
CA LEU B 71 9.51 11.30 -18.95
CA LEU B 71 9.51 11.30 -18.97
C LEU B 71 8.59 11.98 -17.95
N CYS B 72 9.16 12.33 -16.79
CA CYS B 72 8.39 13.02 -15.76
C CYS B 72 8.51 14.54 -15.88
N VAL B 73 7.37 15.22 -16.02
CA VAL B 73 7.40 16.66 -16.03
C VAL B 73 7.31 17.22 -14.62
N LEU B 74 8.46 17.65 -14.09
CA LEU B 74 8.59 18.23 -12.77
C LEU B 74 7.97 19.62 -12.69
N LYS B 75 7.60 20.09 -11.50
CA LYS B 75 7.60 19.31 -10.26
C LYS B 75 6.30 18.55 -10.05
N GLY B 76 5.22 19.10 -10.59
CA GLY B 76 3.89 18.59 -10.31
C GLY B 76 3.64 17.15 -10.72
N GLY B 77 4.36 16.68 -11.73
CA GLY B 77 4.13 15.34 -12.23
C GLY B 77 4.75 14.24 -11.38
N TYR B 78 5.52 14.59 -10.35
CA TYR B 78 6.35 13.57 -9.68
C TYR B 78 5.53 12.49 -8.96
N LYS B 79 4.43 12.87 -8.32
CA LYS B 79 3.62 11.88 -7.58
C LYS B 79 2.89 10.93 -8.52
N PHE B 80 2.21 11.50 -9.51
CA PHE B 80 1.49 10.71 -10.53
C PHE B 80 2.50 9.79 -11.25
N PHE B 81 3.66 10.34 -11.56
CA PHE B 81 4.72 9.56 -12.20
C PHE B 81 5.12 8.35 -11.35
N ALA B 82 5.41 8.61 -10.08
CA ALA B 82 5.91 7.53 -9.22
C ALA B 82 4.85 6.42 -9.07
N ASP B 83 3.60 6.83 -8.91
CA ASP B 83 2.53 5.86 -8.65
C ASP B 83 2.17 5.09 -9.93
N LEU B 84 2.11 5.80 -11.05
CA LEU B 84 1.82 5.16 -12.34
C LEU B 84 2.87 4.09 -12.65
N LEU B 85 4.13 4.45 -12.47
CA LEU B 85 5.22 3.53 -12.71
C LEU B 85 5.23 2.38 -11.69
N ASP B 86 4.78 2.63 -10.46
CA ASP B 86 4.68 1.54 -9.49
C ASP B 86 3.65 0.53 -9.96
N TYR B 87 2.51 1.00 -10.48
CA TYR B 87 1.47 0.11 -10.95
C TYR B 87 1.94 -0.63 -12.22
N ILE B 88 2.70 0.06 -13.08
CA ILE B 88 3.27 -0.58 -14.25
C ILE B 88 4.30 -1.65 -13.83
N LYS B 89 5.14 -1.33 -12.85
CA LYS B 89 6.09 -2.32 -12.32
C LYS B 89 5.35 -3.55 -11.81
N ALA B 90 4.21 -3.32 -11.16
CA ALA B 90 3.47 -4.43 -10.58
C ALA B 90 2.95 -5.35 -11.68
N LEU B 91 2.49 -4.77 -12.80
CA LEU B 91 2.08 -5.57 -13.95
C LEU B 91 3.26 -6.38 -14.52
N ASN B 92 4.41 -5.74 -14.68
CA ASN B 92 5.57 -6.38 -15.31
C ASN B 92 6.17 -7.53 -14.52
N ARG B 93 5.93 -7.60 -13.21
CA ARG B 93 6.51 -8.70 -12.44
C ARG B 93 5.49 -9.79 -12.14
N ASN B 94 4.24 -9.55 -12.54
CA ASN B 94 3.20 -10.55 -12.31
C ASN B 94 2.60 -11.07 -13.61
N SER B 95 3.19 -10.62 -14.73
CA SER B 95 2.82 -11.12 -16.05
C SER B 95 3.95 -11.97 -16.62
N ASP B 96 3.66 -12.71 -17.69
CA ASP B 96 4.64 -13.61 -18.29
C ASP B 96 5.72 -12.87 -19.05
N ARG B 97 5.34 -11.82 -19.78
CA ARG B 97 6.32 -11.03 -20.51
CA ARG B 97 6.29 -11.02 -20.54
C ARG B 97 6.23 -9.56 -20.12
N SER B 98 7.37 -8.88 -20.19
CA SER B 98 7.45 -7.47 -19.87
C SER B 98 8.45 -6.78 -20.78
N ILE B 99 8.63 -5.49 -20.55
CA ILE B 99 9.55 -4.67 -21.33
CA ILE B 99 9.57 -4.68 -21.32
C ILE B 99 10.33 -3.74 -20.39
N PRO B 100 11.60 -3.49 -20.70
CA PRO B 100 12.32 -2.54 -19.85
C PRO B 100 11.75 -1.12 -19.91
N MET B 101 11.85 -0.41 -18.81
CA MET B 101 11.54 1.02 -18.80
C MET B 101 12.72 1.77 -18.24
N THR B 102 13.05 2.89 -18.87
CA THR B 102 14.03 3.83 -18.36
C THR B 102 13.31 5.15 -18.06
N VAL B 103 13.95 6.03 -17.28
CA VAL B 103 13.24 7.23 -16.84
C VAL B 103 14.09 8.48 -16.99
N ASP B 104 13.41 9.61 -17.09
CA ASP B 104 14.09 10.90 -17.08
C ASP B 104 13.13 11.93 -16.50
N PHE B 105 13.70 13.03 -15.99
CA PHE B 105 12.93 14.04 -15.30
C PHE B 105 13.28 15.35 -15.94
N ILE B 106 12.28 16.13 -16.32
CA ILE B 106 12.57 17.40 -16.99
C ILE B 106 11.78 18.52 -16.35
N ARG B 107 12.39 19.71 -16.33
CA ARG B 107 11.69 20.90 -15.88
C ARG B 107 11.59 21.82 -17.07
N LEU B 108 10.49 22.56 -17.16
CA LEU B 108 10.27 23.41 -18.32
C LEU B 108 10.19 24.88 -17.91
N LYS B 109 10.78 25.75 -18.73
CA LYS B 109 10.74 27.18 -18.46
C LYS B 109 10.79 27.99 -19.76
N LYS B 121 12.49 25.78 -23.10
CA LYS B 121 13.75 25.32 -22.53
C LYS B 121 13.53 24.11 -21.63
N VAL B 122 14.15 22.99 -22.00
CA VAL B 122 14.07 21.77 -21.22
C VAL B 122 15.30 21.65 -20.32
N ILE B 123 15.07 21.62 -19.01
CA ILE B 123 16.15 21.63 -18.04
C ILE B 123 16.29 20.31 -17.28
N GLY B 124 17.51 19.77 -17.24
CA GLY B 124 17.82 18.65 -16.36
C GLY B 124 17.63 17.24 -16.92
N GLY B 125 17.29 17.15 -18.19
CA GLY B 125 17.07 15.85 -18.81
C GLY B 125 18.32 15.28 -19.45
N ASP B 126 18.22 14.06 -19.96
CA ASP B 126 19.27 13.46 -20.77
C ASP B 126 19.22 14.06 -22.16
N ASP B 127 20.26 13.83 -22.94
CA ASP B 127 20.24 14.29 -24.32
C ASP B 127 19.06 13.66 -25.04
N LEU B 128 18.34 14.46 -25.83
CA LEU B 128 17.08 14.00 -26.42
C LEU B 128 17.29 12.87 -27.44
N SER B 129 18.52 12.70 -27.91
CA SER B 129 18.84 11.59 -28.81
C SER B 129 18.57 10.24 -28.14
N THR B 130 18.43 10.23 -26.81
CA THR B 130 18.14 8.98 -26.09
C THR B 130 16.71 8.52 -26.33
N LEU B 131 15.88 9.40 -26.86
CA LEU B 131 14.50 9.10 -27.17
C LEU B 131 14.33 8.48 -28.55
N THR B 132 15.36 8.60 -29.38
CA THR B 132 15.25 8.13 -30.75
C THR B 132 14.96 6.62 -30.82
N GLY B 133 13.92 6.23 -31.54
CA GLY B 133 13.57 4.84 -31.70
C GLY B 133 12.88 4.20 -30.51
N LYS B 134 12.55 5.01 -29.51
CA LYS B 134 11.94 4.48 -28.29
C LYS B 134 10.46 4.83 -28.21
N ASN B 135 9.74 4.10 -27.36
CA ASN B 135 8.36 4.46 -27.00
C ASN B 135 8.37 5.46 -25.86
N VAL B 136 8.04 6.71 -26.13
CA VAL B 136 8.20 7.75 -25.14
C VAL B 136 6.88 8.07 -24.45
N LEU B 137 6.86 7.96 -23.12
CA LEU B 137 5.67 8.30 -22.34
C LEU B 137 5.90 9.58 -21.54
N ILE B 138 5.21 10.66 -21.89
CA ILE B 138 5.33 11.90 -21.14
C ILE B 138 4.28 11.91 -20.03
N VAL B 139 4.68 12.25 -18.82
CA VAL B 139 3.75 12.14 -17.68
C VAL B 139 3.60 13.51 -17.03
N GLU B 140 2.35 13.98 -17.01
CA GLU B 140 2.04 15.33 -16.51
C GLU B 140 1.00 15.30 -15.39
N ASP B 141 1.02 16.31 -14.52
CA ASP B 141 -0.02 16.45 -13.50
C ASP B 141 -1.31 16.98 -14.10
N ILE B 142 -1.22 17.98 -14.97
CA ILE B 142 -2.42 18.63 -15.50
C ILE B 142 -2.21 19.29 -16.86
N ILE B 143 -3.24 19.18 -17.71
CA ILE B 143 -3.35 19.91 -18.96
CA ILE B 143 -3.31 19.94 -18.94
C ILE B 143 -4.39 21.01 -18.79
N ASP B 144 -4.00 22.25 -19.04
CA ASP B 144 -4.96 23.37 -18.95
C ASP B 144 -5.11 23.98 -20.36
N THR B 145 -4.18 24.85 -20.76
CA THR B 145 -4.27 25.37 -22.13
C THR B 145 -3.83 24.33 -23.15
N GLY B 146 -2.94 23.44 -22.75
CA GLY B 146 -2.35 22.46 -23.65
C GLY B 146 -1.14 22.96 -24.41
N LYS B 147 -0.75 24.22 -24.18
CA LYS B 147 0.35 24.82 -24.94
C LYS B 147 1.67 24.18 -24.57
N THR B 148 1.85 23.91 -23.28
CA THR B 148 3.06 23.26 -22.78
C THR B 148 3.28 21.91 -23.43
N MET B 149 2.23 21.10 -23.49
CA MET B 149 2.41 19.78 -24.07
C MET B 149 2.63 19.86 -25.58
N GLN B 150 1.93 20.76 -26.28
CA GLN B 150 2.21 20.91 -27.70
C GLN B 150 3.68 21.29 -27.91
N THR B 151 4.20 22.15 -27.05
CA THR B 151 5.56 22.62 -27.19
C THR B 151 6.53 21.48 -26.94
N LEU B 152 6.36 20.79 -25.81
CA LEU B 152 7.25 19.68 -25.47
C LEU B 152 7.23 18.58 -26.55
N LEU B 153 6.04 18.26 -27.06
CA LEU B 153 5.90 17.28 -28.12
C LEU B 153 6.65 17.69 -29.38
N SER B 154 6.59 18.97 -29.73
CA SER B 154 7.21 19.44 -30.96
C SER B 154 8.72 19.24 -30.86
N LEU B 155 9.26 19.41 -29.66
CA LEU B 155 10.68 19.21 -29.43
CA LEU B 155 10.68 19.22 -29.42
C LEU B 155 11.06 17.74 -29.50
N VAL B 156 10.33 16.92 -28.75
CA VAL B 156 10.58 15.49 -28.71
C VAL B 156 10.53 14.87 -30.10
N ARG B 157 9.59 15.33 -30.91
CA ARG B 157 9.42 14.75 -32.24
C ARG B 157 10.61 15.02 -33.17
N GLN B 158 11.43 16.01 -32.83
CA GLN B 158 12.63 16.28 -33.61
C GLN B 158 13.63 15.13 -33.54
N TYR B 159 13.46 14.28 -32.53
CA TYR B 159 14.42 13.21 -32.28
C TYR B 159 13.84 11.83 -32.60
N ASN B 160 12.75 11.84 -33.36
CA ASN B 160 12.18 10.63 -33.96
C ASN B 160 11.99 9.43 -33.04
N PRO B 161 11.12 9.58 -32.02
CA PRO B 161 10.78 8.43 -31.18
C PRO B 161 9.98 7.41 -31.99
N LYS B 162 9.99 6.14 -31.60
CA LYS B 162 9.14 5.14 -32.27
C LYS B 162 7.68 5.54 -32.10
N MET B 163 7.31 5.97 -30.90
CA MET B 163 6.00 6.56 -30.65
C MET B 163 6.14 7.51 -29.48
N VAL B 164 5.19 8.42 -29.33
CA VAL B 164 5.20 9.28 -28.17
C VAL B 164 3.75 9.49 -27.76
N LYS B 165 3.53 9.32 -26.47
CA LYS B 165 2.19 9.40 -25.89
C LYS B 165 2.26 10.27 -24.67
N VAL B 166 1.13 10.85 -24.30
CA VAL B 166 1.06 11.67 -23.11
C VAL B 166 0.03 11.13 -22.12
N ALA B 167 0.45 11.00 -20.86
CA ALA B 167 -0.49 10.69 -19.78
C ALA B 167 -0.58 11.90 -18.86
N SER B 168 -1.81 12.36 -18.61
CA SER B 168 -2.01 13.48 -17.69
C SER B 168 -3.02 13.08 -16.60
N LEU B 169 -2.68 13.30 -15.33
CA LEU B 169 -3.61 12.97 -14.28
C LEU B 169 -4.91 13.73 -14.47
N LEU B 170 -4.79 15.02 -14.78
CA LEU B 170 -5.96 15.92 -14.88
C LEU B 170 -5.99 16.66 -16.20
N VAL B 171 -7.18 16.80 -16.78
CA VAL B 171 -7.40 17.64 -17.94
C VAL B 171 -8.55 18.57 -17.59
N LYS B 172 -8.31 19.88 -17.71
CA LYS B 172 -9.37 20.85 -17.44
C LYS B 172 -10.26 21.08 -18.65
N ARG B 173 -11.56 21.23 -18.41
CA ARG B 173 -12.49 21.77 -19.40
C ARG B 173 -12.38 23.30 -19.44
N THR B 174 -11.76 23.84 -20.48
CA THR B 174 -11.55 25.27 -20.56
C THR B 174 -11.57 25.79 -21.99
N PRO B 175 -12.20 26.95 -22.21
CA PRO B 175 -12.15 27.52 -23.57
C PRO B 175 -10.75 28.01 -23.93
N ARG B 176 -9.86 28.02 -22.96
CA ARG B 176 -8.49 28.43 -23.21
C ARG B 176 -7.68 27.30 -23.84
N SER B 177 -8.30 26.13 -23.98
CA SER B 177 -7.61 25.02 -24.60
C SER B 177 -7.35 25.28 -26.09
N VAL B 178 -6.16 24.92 -26.55
CA VAL B 178 -5.81 25.12 -27.95
C VAL B 178 -6.27 23.92 -28.77
N GLY B 179 -6.82 22.91 -28.09
CA GLY B 179 -7.41 21.77 -28.77
C GLY B 179 -6.64 20.47 -28.58
N TYR B 180 -5.49 20.54 -27.91
CA TYR B 180 -4.69 19.34 -27.68
C TYR B 180 -5.35 18.38 -26.68
N LYS B 181 -5.43 17.09 -27.04
CA LYS B 181 -5.95 16.05 -26.16
CA LYS B 181 -5.95 16.06 -26.14
C LYS B 181 -4.91 14.96 -25.90
N PRO B 182 -4.61 14.69 -24.62
CA PRO B 182 -3.63 13.63 -24.30
C PRO B 182 -4.16 12.21 -24.53
N ASP B 183 -3.25 11.24 -24.60
CA ASP B 183 -3.62 9.85 -24.85
C ASP B 183 -4.21 9.14 -23.63
N PHE B 184 -3.69 9.43 -22.45
CA PHE B 184 -4.22 8.82 -21.24
C PHE B 184 -4.63 9.92 -20.26
N VAL B 185 -5.87 9.87 -19.75
CA VAL B 185 -6.31 10.89 -18.81
CA VAL B 185 -6.39 10.89 -18.84
C VAL B 185 -6.93 10.27 -17.54
N GLY B 186 -6.50 10.77 -16.39
CA GLY B 186 -7.03 10.30 -15.14
C GLY B 186 -8.44 10.85 -14.96
N PHE B 187 -8.55 12.18 -14.86
CA PHE B 187 -9.80 12.86 -14.51
C PHE B 187 -9.99 14.11 -15.35
N GLU B 188 -11.19 14.32 -15.86
CA GLU B 188 -11.53 15.56 -16.56
C GLU B 188 -12.31 16.46 -15.60
N ILE B 189 -11.74 17.61 -15.27
CA ILE B 189 -12.25 18.44 -14.17
C ILE B 189 -12.75 19.80 -14.66
N PRO B 190 -13.54 20.50 -13.82
CA PRO B 190 -13.98 21.87 -14.12
C PRO B 190 -12.80 22.84 -14.15
N ASP B 191 -13.03 24.02 -14.72
CA ASP B 191 -12.03 25.08 -14.70
C ASP B 191 -11.95 25.72 -13.31
N LYS B 192 -11.42 24.97 -12.36
CA LYS B 192 -11.17 25.43 -11.00
C LYS B 192 -9.70 25.19 -10.64
N PHE B 193 -9.11 26.05 -9.83
CA PHE B 193 -7.73 25.82 -9.41
C PHE B 193 -7.68 24.81 -8.28
N VAL B 194 -6.99 23.69 -8.53
CA VAL B 194 -6.90 22.63 -7.55
C VAL B 194 -5.45 22.49 -7.05
N VAL B 195 -5.29 21.88 -5.89
CA VAL B 195 -3.99 21.67 -5.27
C VAL B 195 -3.96 20.27 -4.65
N GLY B 196 -2.77 19.79 -4.28
CA GLY B 196 -2.61 18.50 -3.65
C GLY B 196 -2.05 17.47 -4.63
N TYR B 197 -1.61 16.33 -4.12
CA TYR B 197 -1.00 15.27 -4.93
C TYR B 197 0.08 15.85 -5.87
N ALA B 198 0.92 16.70 -5.27
CA ALA B 198 2.08 17.39 -5.88
C ALA B 198 1.72 18.62 -6.70
N LEU B 199 0.44 18.92 -6.84
CA LEU B 199 0.03 20.18 -7.50
C LEU B 199 0.06 21.30 -6.47
N ASP B 200 0.66 22.44 -6.84
CA ASP B 200 0.97 23.45 -5.84
C ASP B 200 0.24 24.77 -6.03
N TYR B 201 0.25 25.54 -4.95
CA TYR B 201 -0.04 26.96 -5.01
C TYR B 201 1.17 27.66 -4.40
N ASN B 202 1.95 28.33 -5.25
CA ASN B 202 3.18 29.00 -4.81
C ASN B 202 4.07 28.06 -3.99
N GLU B 203 4.19 26.83 -4.49
CA GLU B 203 5.02 25.75 -3.93
C GLU B 203 4.39 25.02 -2.74
N TYR B 204 3.30 25.57 -2.19
CA TYR B 204 2.59 24.88 -1.10
C TYR B 204 1.58 23.85 -1.62
N PHE B 205 1.16 22.96 -0.71
CA PHE B 205 0.18 21.90 -0.94
C PHE B 205 0.70 20.72 -1.75
N ARG B 206 2.00 20.70 -2.03
CA ARG B 206 2.54 19.51 -2.69
C ARG B 206 2.53 18.34 -1.70
N ASP B 207 2.66 18.66 -0.41
CA ASP B 207 2.66 17.66 0.68
C ASP B 207 1.25 17.34 1.17
N LEU B 208 0.36 17.12 0.22
CA LEU B 208 -1.02 16.80 0.52
C LEU B 208 -1.35 15.62 -0.39
N ASN B 209 -1.94 14.55 0.16
CA ASN B 209 -2.16 13.37 -0.67
C ASN B 209 -3.42 13.51 -1.54
N HIS B 210 -4.44 14.21 -1.05
CA HIS B 210 -5.66 14.40 -1.85
C HIS B 210 -5.55 15.58 -2.82
N VAL B 211 -6.39 15.60 -3.85
CA VAL B 211 -6.54 16.80 -4.63
C VAL B 211 -7.70 17.58 -3.99
N ALA B 212 -7.48 18.87 -3.78
CA ALA B 212 -8.41 19.72 -3.05
C ALA B 212 -8.55 21.08 -3.72
N VAL B 213 -9.55 21.85 -3.28
CA VAL B 213 -9.72 23.23 -3.73
C VAL B 213 -9.29 24.12 -2.59
N ILE B 214 -8.56 25.19 -2.91
CA ILE B 214 -8.08 26.14 -1.91
CA ILE B 214 -8.06 26.11 -1.90
C ILE B 214 -9.16 27.06 -1.41
N SER B 215 -9.12 27.41 -0.12
CA SER B 215 -10.04 28.37 0.44
C SER B 215 -9.56 29.80 0.19
N GLU B 216 -10.41 30.78 0.50
CA GLU B 216 -10.03 32.18 0.33
C GLU B 216 -8.89 32.54 1.26
N THR B 217 -8.95 32.08 2.50
CA THR B 217 -7.88 32.33 3.47
C THR B 217 -6.56 31.63 3.10
N GLY B 218 -6.65 30.46 2.46
CA GLY B 218 -5.47 29.76 1.99
C GLY B 218 -4.79 30.51 0.86
N LYS B 219 -5.58 31.05 -0.06
CA LYS B 219 -5.02 31.81 -1.17
C LYS B 219 -4.32 33.06 -0.65
N ALA B 220 -4.92 33.70 0.36
CA ALA B 220 -4.33 34.86 0.99
C ALA B 220 -3.05 34.53 1.75
N LYS B 221 -3.06 33.42 2.49
CA LYS B 221 -1.94 33.09 3.36
C LYS B 221 -0.67 32.77 2.57
N TYR B 222 -0.81 32.04 1.47
CA TYR B 222 0.32 31.56 0.70
C TYR B 222 0.54 32.36 -0.57
N LYS B 223 -0.14 33.51 -0.64
CA LYS B 223 0.00 34.44 -1.75
CA LYS B 223 0.01 34.41 -1.77
C LYS B 223 1.45 34.83 -1.97
N ALA B 224 1.90 34.82 -3.22
CA ALA B 224 3.27 35.17 -3.56
C ALA B 224 3.51 36.66 -3.31
N SER C 11 9.92 -26.89 -3.12
CA SER C 11 10.31 -25.59 -2.62
C SER C 11 9.95 -25.41 -1.15
N PRO C 12 10.97 -25.29 -0.29
CA PRO C 12 10.74 -25.11 1.14
C PRO C 12 10.45 -23.65 1.48
N GLY C 13 10.38 -22.78 0.48
CA GLY C 13 10.13 -21.37 0.71
C GLY C 13 11.39 -20.63 1.13
N VAL C 14 11.22 -19.45 1.70
CA VAL C 14 12.37 -18.68 2.18
C VAL C 14 12.91 -19.28 3.47
N VAL C 15 14.15 -19.79 3.40
CA VAL C 15 14.74 -20.50 4.53
C VAL C 15 15.45 -19.52 5.46
N ILE C 16 14.92 -19.44 6.67
CA ILE C 16 15.53 -18.69 7.75
C ILE C 16 16.31 -19.67 8.61
N SER C 17 17.62 -19.53 8.64
CA SER C 17 18.45 -20.54 9.32
C SER C 17 18.44 -20.42 10.84
N ASP C 18 18.93 -21.46 11.49
CA ASP C 18 18.93 -21.54 12.95
C ASP C 18 19.77 -20.44 13.58
N ASP C 19 20.75 -19.93 12.85
CA ASP C 19 21.69 -18.96 13.38
CA ASP C 19 21.68 -18.96 13.40
C ASP C 19 21.31 -17.52 13.04
N GLU C 20 20.22 -17.35 12.31
CA GLU C 20 19.84 -16.01 11.88
CA GLU C 20 19.78 -16.03 11.89
C GLU C 20 19.51 -15.14 13.09
N PRO C 21 20.25 -14.04 13.24
CA PRO C 21 20.17 -13.13 14.39
C PRO C 21 18.95 -12.20 14.39
N GLY C 22 18.27 -12.08 13.25
CA GLY C 22 17.12 -11.18 13.17
C GLY C 22 17.59 -9.73 13.23
N TYR C 23 16.65 -8.82 13.45
CA TYR C 23 16.96 -7.41 13.46
C TYR C 23 16.69 -6.71 14.79
N ASP C 24 17.58 -5.79 15.14
CA ASP C 24 17.40 -4.96 16.32
CA ASP C 24 17.42 -4.93 16.31
C ASP C 24 16.10 -4.18 16.20
N LEU C 25 15.36 -4.11 17.31
CA LEU C 25 14.06 -3.44 17.33
C LEU C 25 14.12 -1.95 17.01
N ASP C 26 15.23 -1.29 17.37
CA ASP C 26 15.29 0.16 17.20
CA ASP C 26 15.37 0.15 17.19
C ASP C 26 15.49 0.57 15.73
N LEU C 27 15.54 -0.39 14.84
CA LEU C 27 15.69 -0.09 13.41
C LEU C 27 14.32 -0.01 12.73
N PHE C 28 13.27 -0.40 13.46
CA PHE C 28 11.92 -0.44 12.92
C PHE C 28 10.95 0.36 13.77
N ALA C 29 9.74 0.54 13.25
CA ALA C 29 8.67 1.15 14.01
C ALA C 29 7.95 0.05 14.77
N ILE C 30 7.98 0.14 16.09
CA ILE C 30 7.43 -0.88 16.98
C ILE C 30 6.45 -0.24 17.96
N PRO C 31 5.25 -0.83 18.14
CA PRO C 31 4.33 -0.22 19.11
C PRO C 31 4.96 -0.17 20.50
N ASN C 32 4.84 0.97 21.17
CA ASN C 32 5.54 1.20 22.42
C ASN C 32 5.18 0.19 23.51
N HIS C 33 3.95 -0.35 23.48
CA HIS C 33 3.53 -1.24 24.56
C HIS C 33 4.17 -2.63 24.46
N TYR C 34 4.93 -2.87 23.39
CA TYR C 34 5.66 -4.13 23.25
C TYR C 34 7.17 -3.93 23.29
N ALA C 35 7.60 -2.72 23.66
CA ALA C 35 9.01 -2.34 23.53
C ALA C 35 9.96 -3.21 24.36
N GLU C 36 9.48 -3.74 25.49
CA GLU C 36 10.30 -4.57 26.36
C GLU C 36 10.03 -6.05 26.20
N ASP C 37 9.02 -6.39 25.40
CA ASP C 37 8.48 -7.75 25.37
C ASP C 37 8.98 -8.54 24.16
N LEU C 38 9.72 -7.87 23.30
CA LEU C 38 10.29 -8.50 22.11
C LEU C 38 11.80 -8.49 22.20
N GLU C 39 12.44 -9.44 21.56
CA GLU C 39 13.90 -9.47 21.59
C GLU C 39 14.48 -9.06 20.24
N ARG C 40 13.89 -9.55 19.15
CA ARG C 40 14.30 -9.15 17.80
C ARG C 40 13.11 -9.17 16.84
N VAL C 41 13.23 -8.39 15.76
CA VAL C 41 12.37 -8.60 14.61
C VAL C 41 12.95 -9.78 13.85
N PHE C 42 12.09 -10.71 13.44
CA PHE C 42 12.53 -11.95 12.85
C PHE C 42 12.26 -11.98 11.36
N ILE C 43 11.03 -11.63 11.00
CA ILE C 43 10.65 -11.44 9.61
C ILE C 43 9.91 -10.13 9.47
N PRO C 44 10.57 -9.13 8.88
CA PRO C 44 9.88 -7.85 8.69
C PRO C 44 8.61 -7.96 7.86
N HIS C 45 7.58 -7.20 8.24
CA HIS C 45 6.31 -7.18 7.56
C HIS C 45 6.46 -7.04 6.04
N GLY C 46 7.31 -6.12 5.61
CA GLY C 46 7.51 -5.92 4.19
C GLY C 46 8.00 -7.15 3.47
N LEU C 47 8.86 -7.91 4.12
CA LEU C 47 9.37 -9.15 3.52
C LEU C 47 8.26 -10.23 3.44
N ILE C 48 7.43 -10.30 4.46
CA ILE C 48 6.21 -11.13 4.37
C ILE C 48 5.37 -10.73 3.14
N MET C 49 5.22 -9.42 2.92
CA MET C 49 4.40 -8.97 1.80
C MET C 49 5.02 -9.39 0.46
N ASP C 50 6.34 -9.19 0.30
CA ASP C 50 6.99 -9.57 -0.94
C ASP C 50 6.88 -11.07 -1.19
N ARG C 51 7.03 -11.88 -0.15
CA ARG C 51 6.93 -13.32 -0.34
C ARG C 51 5.49 -13.72 -0.64
N THR C 52 4.53 -13.11 0.05
CA THR C 52 3.11 -13.38 -0.18
C THR C 52 2.68 -13.00 -1.61
N GLU C 53 3.22 -11.90 -2.16
CA GLU C 53 2.96 -11.53 -3.54
C GLU C 53 3.33 -12.69 -4.48
N ARG C 54 4.48 -13.31 -4.22
CA ARG C 54 4.94 -14.39 -5.07
C ARG C 54 4.05 -15.62 -4.90
N LEU C 55 3.69 -15.91 -3.64
CA LEU C 55 2.81 -17.05 -3.36
C LEU C 55 1.46 -16.89 -4.05
N ALA C 56 0.95 -15.67 -4.12
CA ALA C 56 -0.34 -15.44 -4.76
C ALA C 56 -0.28 -15.88 -6.22
N ARG C 57 0.83 -15.61 -6.89
CA ARG C 57 1.00 -15.97 -8.29
CA ARG C 57 0.96 -15.98 -8.29
C ARG C 57 1.05 -17.50 -8.42
N ASP C 58 1.83 -18.12 -7.53
CA ASP C 58 1.94 -19.59 -7.47
C ASP C 58 0.57 -20.24 -7.28
N VAL C 59 -0.24 -19.71 -6.37
CA VAL C 59 -1.59 -20.22 -6.14
C VAL C 59 -2.48 -20.14 -7.40
N MET C 60 -2.50 -18.99 -8.05
CA MET C 60 -3.29 -18.86 -9.27
C MET C 60 -2.79 -19.80 -10.38
N LYS C 61 -1.47 -19.98 -10.47
CA LYS C 61 -0.90 -20.92 -11.44
C LYS C 61 -1.50 -22.33 -11.27
N GLU C 62 -1.56 -22.79 -10.02
CA GLU C 62 -2.02 -24.14 -9.77
C GLU C 62 -3.53 -24.28 -9.60
N MET C 63 -4.19 -23.26 -9.07
CA MET C 63 -5.58 -23.40 -8.65
C MET C 63 -6.55 -22.50 -9.43
N GLY C 64 -6.01 -21.66 -10.31
CA GLY C 64 -6.80 -20.65 -10.98
C GLY C 64 -7.67 -21.14 -12.11
N GLY C 65 -7.77 -22.46 -12.29
CA GLY C 65 -8.53 -23.03 -13.37
C GLY C 65 -10.00 -23.28 -13.05
N HIS C 66 -10.35 -23.21 -11.78
CA HIS C 66 -11.70 -23.52 -11.33
C HIS C 66 -12.01 -22.71 -10.08
N HIS C 67 -13.29 -22.44 -9.83
CA HIS C 67 -13.74 -21.75 -8.62
C HIS C 67 -12.98 -22.18 -7.38
N ILE C 68 -12.44 -21.21 -6.67
CA ILE C 68 -11.66 -21.43 -5.45
C ILE C 68 -12.51 -21.13 -4.21
N VAL C 69 -12.56 -22.05 -3.26
CA VAL C 69 -13.06 -21.70 -1.93
C VAL C 69 -11.85 -21.54 -1.02
N ALA C 70 -11.63 -20.33 -0.53
CA ALA C 70 -10.49 -20.09 0.35
C ALA C 70 -10.93 -20.13 1.81
N LEU C 71 -10.31 -21.04 2.57
CA LEU C 71 -10.66 -21.26 3.97
CA LEU C 71 -10.66 -21.28 3.97
C LEU C 71 -9.63 -20.65 4.91
N CYS C 72 -10.05 -19.67 5.70
CA CYS C 72 -9.14 -19.03 6.64
C CYS C 72 -9.18 -19.75 8.00
N VAL C 73 -8.02 -20.20 8.49
CA VAL C 73 -8.00 -20.83 9.80
C VAL C 73 -7.75 -19.80 10.90
N LEU C 74 -8.82 -19.47 11.61
CA LEU C 74 -8.81 -18.45 12.64
C LEU C 74 -8.09 -18.96 13.88
N LYS C 75 -7.53 -18.06 14.71
CA LYS C 75 -7.49 -16.62 14.44
C LYS C 75 -6.19 -16.20 13.74
N GLY C 76 -5.13 -16.95 13.98
CA GLY C 76 -3.81 -16.61 13.48
C GLY C 76 -3.70 -16.46 11.98
N GLY C 77 -4.53 -17.17 11.23
CA GLY C 77 -4.44 -17.10 9.79
C GLY C 77 -4.99 -15.83 9.14
N TYR C 78 -5.61 -14.95 9.94
CA TYR C 78 -6.46 -13.91 9.35
C TYR C 78 -5.67 -12.85 8.56
N LYS C 79 -4.46 -12.52 9.00
CA LYS C 79 -3.68 -11.49 8.29
C LYS C 79 -3.10 -12.03 6.98
N PHE C 80 -2.45 -13.18 7.05
CA PHE C 80 -1.93 -13.87 5.87
C PHE C 80 -3.04 -14.07 4.85
N PHE C 81 -4.19 -14.50 5.34
CA PHE C 81 -5.37 -14.72 4.51
C PHE C 81 -5.76 -13.42 3.79
N ALA C 82 -5.94 -12.36 4.54
CA ALA C 82 -6.37 -11.09 3.94
C ALA C 82 -5.39 -10.60 2.89
N ASP C 83 -4.10 -10.68 3.21
CA ASP C 83 -3.05 -10.19 2.30
C ASP C 83 -2.86 -11.09 1.07
N LEU C 84 -2.88 -12.39 1.29
CA LEU C 84 -2.77 -13.35 0.18
C LEU C 84 -3.90 -13.14 -0.80
N LEU C 85 -5.12 -13.01 -0.27
CA LEU C 85 -6.27 -12.81 -1.14
C LEU C 85 -6.24 -11.44 -1.81
N ASP C 86 -5.68 -10.43 -1.14
CA ASP C 86 -5.54 -9.12 -1.79
C ASP C 86 -4.61 -9.23 -3.00
N TYR C 87 -3.54 -10.00 -2.87
CA TYR C 87 -2.61 -10.14 -4.00
C TYR C 87 -3.26 -10.96 -5.11
N ILE C 88 -4.02 -11.99 -4.74
CA ILE C 88 -4.77 -12.75 -5.75
C ILE C 88 -5.78 -11.86 -6.48
N LYS C 89 -6.51 -11.03 -5.74
CA LYS C 89 -7.44 -10.09 -6.38
C LYS C 89 -6.73 -9.14 -7.34
N ALA C 90 -5.55 -8.67 -6.96
CA ALA C 90 -4.80 -7.75 -7.82
C ALA C 90 -4.46 -8.44 -9.14
N LEU C 91 -4.03 -9.70 -9.06
CA LEU C 91 -3.81 -10.50 -10.26
C LEU C 91 -5.08 -10.61 -11.10
N ASN C 92 -6.20 -10.87 -10.45
CA ASN C 92 -7.44 -11.18 -11.16
C ASN C 92 -8.06 -9.98 -11.87
N ARG C 93 -7.73 -8.76 -11.45
CA ARG C 93 -8.32 -7.58 -12.08
C ARG C 93 -7.33 -6.94 -13.05
N ASN C 94 -6.16 -7.55 -13.20
CA ASN C 94 -5.19 -7.03 -14.13
C ASN C 94 -4.76 -8.07 -15.16
N SER C 95 -5.54 -9.15 -15.25
CA SER C 95 -5.25 -10.23 -16.19
C SER C 95 -6.43 -10.45 -17.13
N ASP C 96 -6.21 -11.23 -18.19
CA ASP C 96 -7.26 -11.50 -19.17
C ASP C 96 -8.24 -12.58 -18.70
N ARG C 97 -7.73 -13.62 -18.06
CA ARG C 97 -8.59 -14.69 -17.54
CA ARG C 97 -8.62 -14.66 -17.54
C ARG C 97 -8.65 -14.61 -16.01
N SER C 98 -9.80 -14.93 -15.46
CA SER C 98 -10.03 -14.79 -14.03
C SER C 98 -11.04 -15.83 -13.55
N ILE C 99 -11.04 -16.12 -12.25
CA ILE C 99 -11.93 -17.12 -11.66
CA ILE C 99 -11.98 -17.08 -11.68
C ILE C 99 -12.54 -16.60 -10.36
N PRO C 100 -13.83 -16.90 -10.11
CA PRO C 100 -14.46 -16.47 -8.85
C PRO C 100 -13.84 -17.15 -7.63
N MET C 101 -13.81 -16.41 -6.52
CA MET C 101 -13.36 -16.98 -5.27
C MET C 101 -14.38 -16.70 -4.19
N THR C 102 -14.73 -17.71 -3.40
CA THR C 102 -15.57 -17.48 -2.23
C THR C 102 -14.72 -17.77 -0.99
N VAL C 103 -15.14 -17.27 0.16
CA VAL C 103 -14.36 -17.43 1.38
C VAL C 103 -15.19 -17.98 2.53
N ASP C 104 -14.51 -18.60 3.47
CA ASP C 104 -15.12 -19.07 4.71
C ASP C 104 -14.05 -18.99 5.80
N PHE C 105 -14.50 -18.91 7.05
CA PHE C 105 -13.60 -18.76 8.18
C PHE C 105 -13.93 -19.84 9.18
N ILE C 106 -12.91 -20.55 9.64
CA ILE C 106 -13.14 -21.65 10.58
C ILE C 106 -12.20 -21.59 11.78
N ARG C 107 -12.65 -22.13 12.90
CA ARG C 107 -11.79 -22.42 14.03
C ARG C 107 -11.70 -23.93 14.16
N LEU C 108 -10.59 -24.44 14.69
CA LEU C 108 -10.43 -25.89 14.79
C LEU C 108 -10.23 -26.33 16.23
N LYS C 109 -10.81 -27.48 16.59
CA LYS C 109 -10.41 -28.18 17.81
C LYS C 109 -10.66 -29.69 17.78
N GLY C 118 -11.95 -40.09 15.85
CA GLY C 118 -12.98 -39.10 15.57
C GLY C 118 -12.50 -37.99 14.66
N ASP C 119 -13.45 -37.31 14.02
CA ASP C 119 -13.14 -36.20 13.11
C ASP C 119 -12.73 -34.93 13.85
N ILE C 120 -11.80 -34.18 13.28
CA ILE C 120 -11.46 -32.85 13.81
C ILE C 120 -12.75 -32.02 13.78
N LYS C 121 -12.92 -31.15 14.79
CA LYS C 121 -14.12 -30.32 14.88
C LYS C 121 -13.92 -28.99 14.16
N VAL C 122 -14.69 -28.76 13.11
CA VAL C 122 -14.68 -27.51 12.37
C VAL C 122 -15.77 -26.57 12.90
N ILE C 123 -15.34 -25.41 13.39
CA ILE C 123 -16.24 -24.52 14.11
C ILE C 123 -16.45 -23.20 13.39
N GLY C 124 -17.71 -22.83 13.17
CA GLY C 124 -18.06 -21.52 12.65
C GLY C 124 -18.09 -21.32 11.14
N GLY C 125 -17.88 -22.39 10.38
CA GLY C 125 -17.87 -22.29 8.93
C GLY C 125 -19.19 -22.68 8.31
N ASP C 126 -19.27 -22.62 6.98
CA ASP C 126 -20.42 -23.10 6.24
C ASP C 126 -20.46 -24.61 6.26
N ASP C 127 -21.56 -25.18 5.78
CA ASP C 127 -21.64 -26.63 5.63
C ASP C 127 -20.53 -27.06 4.68
N LEU C 128 -19.82 -28.14 4.98
CA LEU C 128 -18.65 -28.49 4.17
CA LEU C 128 -18.65 -28.47 4.17
C LEU C 128 -19.03 -28.97 2.78
N SER C 129 -20.32 -29.15 2.53
CA SER C 129 -20.81 -29.45 1.19
C SER C 129 -20.44 -28.31 0.24
N THR C 130 -20.15 -27.14 0.81
CA THR C 130 -19.70 -26.01 0.00
C THR C 130 -18.36 -26.30 -0.65
N LEU C 131 -17.60 -27.25 -0.09
CA LEU C 131 -16.29 -27.60 -0.65
C LEU C 131 -16.40 -28.54 -1.86
N THR C 132 -17.54 -29.19 -2.03
CA THR C 132 -17.69 -30.23 -3.05
C THR C 132 -17.51 -29.70 -4.49
N GLY C 133 -16.59 -30.31 -5.22
CA GLY C 133 -16.30 -29.92 -6.59
C GLY C 133 -15.57 -28.60 -6.76
N LYS C 134 -15.05 -28.04 -5.66
CA LYS C 134 -14.36 -26.76 -5.73
C LYS C 134 -12.85 -26.93 -5.53
N ASN C 135 -12.09 -25.93 -5.96
CA ASN C 135 -10.68 -25.87 -5.65
C ASN C 135 -10.54 -25.27 -4.25
N VAL C 136 -10.24 -26.10 -3.25
CA VAL C 136 -10.24 -25.61 -1.88
C VAL C 136 -8.83 -25.21 -1.44
N LEU C 137 -8.67 -23.95 -1.02
CA LEU C 137 -7.39 -23.47 -0.49
C LEU C 137 -7.48 -23.23 1.03
N ILE C 138 -6.79 -24.05 1.80
CA ILE C 138 -6.77 -23.87 3.26
C ILE C 138 -5.60 -22.95 3.61
N VAL C 139 -5.86 -21.90 4.39
CA VAL C 139 -4.84 -20.91 4.67
C VAL C 139 -4.50 -20.82 6.16
N GLU C 140 -3.24 -21.07 6.46
CA GLU C 140 -2.75 -21.10 7.84
C GLU C 140 -1.63 -20.11 8.11
N ASP C 141 -1.48 -19.71 9.36
CA ASP C 141 -0.31 -18.96 9.80
C ASP C 141 0.94 -19.83 9.93
N ILE C 142 0.81 -21.00 10.54
CA ILE C 142 1.97 -21.84 10.80
C ILE C 142 1.68 -23.34 10.87
N ILE C 143 2.62 -24.13 10.35
CA ILE C 143 2.65 -25.58 10.49
C ILE C 143 3.75 -25.88 11.48
N ASP C 144 3.45 -26.70 12.48
CA ASP C 144 4.45 -27.04 13.48
C ASP C 144 4.59 -28.54 13.50
N THR C 145 3.76 -29.23 14.29
CA THR C 145 3.79 -30.69 14.26
C THR C 145 3.18 -31.17 12.96
N GLY C 146 2.27 -30.37 12.41
CA GLY C 146 1.54 -30.78 11.22
C GLY C 146 0.29 -31.59 11.53
N LYS C 147 0.02 -31.83 12.80
CA LYS C 147 -1.12 -32.69 13.16
C LYS C 147 -2.44 -32.03 12.80
N THR C 148 -2.56 -30.74 13.06
CA THR C 148 -3.78 -30.01 12.74
C THR C 148 -4.14 -30.11 11.26
N MET C 149 -3.19 -29.87 10.36
CA MET C 149 -3.48 -29.91 8.94
CA MET C 149 -3.56 -29.91 8.96
C MET C 149 -3.75 -31.33 8.42
N GLN C 150 -3.01 -32.32 8.93
CA GLN C 150 -3.20 -33.71 8.51
CA GLN C 150 -3.22 -33.69 8.46
C GLN C 150 -4.64 -34.16 8.78
N THR C 151 -5.14 -33.81 9.96
CA THR C 151 -6.45 -34.27 10.34
C THR C 151 -7.55 -33.46 9.65
N LEU C 152 -7.31 -32.18 9.37
CA LEU C 152 -8.29 -31.40 8.62
C LEU C 152 -8.43 -31.93 7.19
N LEU C 153 -7.30 -32.25 6.56
CA LEU C 153 -7.30 -32.84 5.22
C LEU C 153 -8.10 -34.15 5.13
N SER C 154 -7.98 -35.02 6.13
CA SER C 154 -8.70 -36.29 6.17
CA SER C 154 -8.71 -36.28 6.14
C SER C 154 -10.22 -36.04 6.21
N LEU C 155 -10.62 -34.92 6.80
CA LEU C 155 -12.04 -34.59 6.84
C LEU C 155 -12.49 -34.03 5.50
N VAL C 156 -11.71 -33.10 4.95
CA VAL C 156 -12.14 -32.36 3.79
C VAL C 156 -12.21 -33.27 2.56
N ARG C 157 -11.36 -34.29 2.48
CA ARG C 157 -11.38 -35.18 1.31
C ARG C 157 -12.75 -35.89 1.19
N GLN C 158 -13.40 -36.11 2.33
CA GLN C 158 -14.68 -36.79 2.37
C GLN C 158 -15.83 -35.93 1.79
N TYR C 159 -15.53 -34.70 1.38
CA TYR C 159 -16.55 -33.84 0.79
C TYR C 159 -16.29 -33.66 -0.69
N ASN C 160 -15.37 -34.49 -1.18
CA ASN C 160 -15.03 -34.56 -2.59
C ASN C 160 -14.74 -33.20 -3.25
N PRO C 161 -13.72 -32.48 -2.75
CA PRO C 161 -13.32 -31.27 -3.49
C PRO C 161 -12.69 -31.63 -4.83
N LYS C 162 -12.72 -30.72 -5.79
CA LYS C 162 -12.02 -30.96 -7.05
C LYS C 162 -10.51 -31.07 -6.77
N MET C 163 -10.04 -30.26 -5.83
CA MET C 163 -8.67 -30.36 -5.31
C MET C 163 -8.63 -29.73 -3.92
N VAL C 164 -7.66 -30.09 -3.11
CA VAL C 164 -7.46 -29.36 -1.87
C VAL C 164 -5.97 -29.12 -1.64
N LYS C 165 -5.63 -27.87 -1.35
CA LYS C 165 -4.24 -27.48 -1.13
C LYS C 165 -4.14 -26.60 0.11
N VAL C 166 -2.96 -26.57 0.71
CA VAL C 166 -2.73 -25.77 1.91
C VAL C 166 -1.64 -24.74 1.69
N ALA C 167 -1.93 -23.47 2.01
CA ALA C 167 -0.88 -22.46 2.06
C ALA C 167 -0.62 -22.07 3.51
N SER C 168 0.65 -22.10 3.92
CA SER C 168 0.99 -21.68 5.27
C SER C 168 2.11 -20.64 5.23
N LEU C 169 1.92 -19.53 5.93
CA LEU C 169 2.96 -18.51 5.97
C LEU C 169 4.28 -19.09 6.47
N LEU C 170 4.18 -19.89 7.53
CA LEU C 170 5.36 -20.43 8.20
C LEU C 170 5.34 -21.93 8.33
N VAL C 171 6.51 -22.55 8.17
CA VAL C 171 6.72 -23.96 8.49
C VAL C 171 7.94 -24.09 9.39
N LYS C 172 7.76 -24.75 10.53
CA LYS C 172 8.84 -24.96 11.48
C LYS C 172 9.64 -26.21 11.19
N ARG C 173 10.96 -26.09 11.28
CA ARG C 173 11.82 -27.28 11.30
C ARG C 173 11.79 -27.86 12.72
N THR C 174 11.11 -28.98 12.89
CA THR C 174 10.98 -29.56 14.23
C THR C 174 11.02 -31.08 14.22
N PRO C 175 11.68 -31.68 15.22
CA PRO C 175 11.66 -33.15 15.34
C PRO C 175 10.28 -33.67 15.72
N ARG C 176 9.36 -32.78 16.04
CA ARG C 176 8.02 -33.21 16.44
C ARG C 176 7.09 -33.27 15.24
N SER C 177 7.60 -32.91 14.06
CA SER C 177 6.83 -32.97 12.84
C SER C 177 6.42 -34.40 12.44
N VAL C 178 5.14 -34.56 12.11
CA VAL C 178 4.61 -35.85 11.67
C VAL C 178 4.87 -36.07 10.17
N GLY C 179 5.59 -35.13 9.55
CA GLY C 179 6.01 -35.27 8.17
C GLY C 179 5.15 -34.52 7.16
N TYR C 180 4.09 -33.87 7.62
CA TYR C 180 3.23 -33.12 6.72
C TYR C 180 3.93 -31.86 6.18
N LYS C 181 3.84 -31.64 4.86
CA LYS C 181 4.38 -30.44 4.20
C LYS C 181 3.30 -29.74 3.38
N PRO C 182 3.16 -28.42 3.55
CA PRO C 182 2.06 -27.78 2.83
C PRO C 182 2.38 -27.55 1.34
N ASP C 183 1.38 -27.18 0.55
CA ASP C 183 1.61 -27.00 -0.88
C ASP C 183 2.28 -25.68 -1.21
N PHE C 184 1.99 -24.65 -0.41
CA PHE C 184 2.60 -23.36 -0.56
C PHE C 184 3.14 -22.94 0.80
N VAL C 185 4.38 -22.46 0.82
CA VAL C 185 5.02 -22.04 2.07
C VAL C 185 5.74 -20.70 1.90
N GLY C 186 5.49 -19.78 2.83
CA GLY C 186 6.19 -18.52 2.82
C GLY C 186 7.64 -18.69 3.27
N PHE C 187 7.81 -19.17 4.50
CA PHE C 187 9.10 -19.16 5.19
C PHE C 187 9.28 -20.45 6.00
N GLU C 188 10.47 -21.05 5.91
CA GLU C 188 10.82 -22.17 6.77
C GLU C 188 11.74 -21.68 7.89
N ILE C 189 11.29 -21.83 9.13
CA ILE C 189 11.92 -21.17 10.26
C ILE C 189 12.42 -22.17 11.29
N PRO C 190 13.30 -21.73 12.21
CA PRO C 190 13.72 -22.62 13.28
C PRO C 190 12.63 -22.95 14.29
N ASP C 191 12.91 -23.95 15.13
CA ASP C 191 12.05 -24.37 16.22
C ASP C 191 12.15 -23.38 17.38
N LYS C 192 11.60 -22.18 17.16
CA LYS C 192 11.54 -21.11 18.16
C LYS C 192 10.13 -20.52 18.16
N PHE C 193 9.69 -20.00 19.30
CA PHE C 193 8.35 -19.44 19.36
C PHE C 193 8.35 -18.01 18.81
N VAL C 194 7.54 -17.80 17.78
CA VAL C 194 7.47 -16.49 17.14
C VAL C 194 6.08 -15.89 17.32
N VAL C 195 6.00 -14.56 17.28
CA VAL C 195 4.73 -13.84 17.46
C VAL C 195 4.61 -12.72 16.43
N GLY C 196 3.43 -12.12 16.30
CA GLY C 196 3.25 -11.01 15.36
C GLY C 196 2.59 -11.45 14.06
N TYR C 197 2.18 -10.48 13.23
CA TYR C 197 1.44 -10.75 12.00
C TYR C 197 0.30 -11.76 12.27
N ALA C 198 -0.44 -11.47 13.35
CA ALA C 198 -1.62 -12.21 13.85
C ALA C 198 -1.26 -13.47 14.67
N LEU C 199 0.01 -13.86 14.70
CA LEU C 199 0.42 -14.95 15.59
C LEU C 199 0.57 -14.45 17.01
N ASP C 200 0.06 -15.22 17.96
CA ASP C 200 -0.09 -14.71 19.32
C ASP C 200 0.68 -15.49 20.36
N TYR C 201 0.85 -14.85 21.51
CA TYR C 201 1.20 -15.50 22.75
C TYR C 201 0.10 -15.10 23.75
N ASN C 202 -0.77 -16.05 24.09
CA ASN C 202 -1.90 -15.77 24.98
CA ASN C 202 -1.91 -15.78 24.96
C ASN C 202 -2.71 -14.57 24.50
N GLU C 203 -3.01 -14.55 23.20
CA GLU C 203 -3.84 -13.54 22.52
C GLU C 203 -3.15 -12.18 22.35
N TYR C 204 -1.96 -12.02 22.91
CA TYR C 204 -1.18 -10.81 22.65
C TYR C 204 -0.30 -10.94 21.42
N PHE C 205 0.16 -9.80 20.93
CA PHE C 205 1.09 -9.66 19.80
C PHE C 205 0.44 -9.87 18.44
N ARG C 206 -0.86 -10.11 18.38
CA ARG C 206 -1.52 -10.21 17.07
C ARG C 206 -1.50 -8.83 16.39
N ASP C 207 -1.52 -7.78 17.20
CA ASP C 207 -1.52 -6.37 16.74
C ASP C 207 -0.11 -5.86 16.47
N LEU C 208 0.71 -6.72 15.89
CA LEU C 208 2.09 -6.38 15.57
C LEU C 208 2.29 -6.77 14.11
N ASN C 209 2.84 -5.88 13.28
CA ASN C 209 2.90 -6.18 11.86
C ASN C 209 4.09 -7.11 11.49
N HIS C 210 5.19 -7.04 12.24
CA HIS C 210 6.33 -7.93 12.00
C HIS C 210 6.19 -9.26 12.74
N VAL C 211 6.85 -10.28 12.21
CA VAL C 211 7.04 -11.52 12.97
C VAL C 211 8.29 -11.34 13.81
N ALA C 212 8.17 -11.63 15.11
CA ALA C 212 9.24 -11.40 16.07
C ALA C 212 9.39 -12.55 17.05
N VAL C 213 10.55 -12.62 17.69
CA VAL C 213 10.73 -13.56 18.79
C VAL C 213 10.46 -12.83 20.09
N ILE C 214 9.66 -13.45 20.95
CA ILE C 214 9.28 -12.84 22.21
C ILE C 214 10.42 -12.96 23.24
N SER C 215 10.60 -11.91 24.06
CA SER C 215 11.64 -11.92 25.09
CA SER C 215 11.61 -11.87 25.10
C SER C 215 11.22 -12.71 26.32
N GLU C 216 12.16 -12.93 27.24
CA GLU C 216 11.86 -13.68 28.47
C GLU C 216 10.99 -12.83 29.40
N THR C 217 11.18 -11.52 29.35
CA THR C 217 10.39 -10.62 30.17
CA THR C 217 10.39 -10.59 30.15
C THR C 217 8.96 -10.46 29.62
N GLY C 218 8.82 -10.54 28.30
CA GLY C 218 7.50 -10.49 27.70
C GLY C 218 6.80 -11.81 27.93
N LYS C 219 7.58 -12.88 27.96
CA LYS C 219 7.07 -14.22 28.20
C LYS C 219 6.39 -14.29 29.56
N ALA C 220 7.01 -13.65 30.56
CA ALA C 220 6.49 -13.64 31.92
C ALA C 220 5.28 -12.73 32.07
N LYS C 221 5.34 -11.57 31.43
CA LYS C 221 4.29 -10.56 31.57
C LYS C 221 2.94 -11.03 31.02
N TYR C 222 2.96 -11.75 29.91
CA TYR C 222 1.70 -12.18 29.27
C TYR C 222 1.37 -13.65 29.55
N LYS C 223 2.16 -14.28 30.41
CA LYS C 223 1.98 -15.68 30.78
C LYS C 223 0.62 -15.92 31.42
N ALA C 224 0.06 -17.11 31.18
CA ALA C 224 -1.20 -17.60 31.75
C ALA C 224 -1.75 -16.86 32.97
N SER D 11 22.41 5.62 14.49
CA SER D 11 22.75 4.26 14.10
C SER D 11 23.40 4.22 12.73
N PRO D 12 24.13 3.14 12.42
CA PRO D 12 24.66 2.96 11.07
C PRO D 12 23.60 2.40 10.11
N GLY D 13 22.36 2.32 10.58
CA GLY D 13 21.28 1.69 9.82
C GLY D 13 21.28 0.18 9.94
N VAL D 14 20.44 -0.47 9.12
CA VAL D 14 20.43 -1.91 9.01
C VAL D 14 21.75 -2.37 8.39
N VAL D 15 22.57 -3.06 9.16
CA VAL D 15 23.87 -3.48 8.67
C VAL D 15 23.74 -4.79 7.90
N ILE D 16 24.13 -4.76 6.64
CA ILE D 16 24.13 -5.96 5.81
C ILE D 16 25.58 -6.44 5.67
N SER D 17 25.85 -7.65 6.13
CA SER D 17 27.22 -8.15 6.27
C SER D 17 27.86 -8.40 4.92
N ASP D 18 29.20 -8.43 4.91
CA ASP D 18 29.97 -8.68 3.70
C ASP D 18 29.57 -9.99 3.04
N ASP D 19 29.30 -11.01 3.86
CA ASP D 19 29.03 -12.33 3.32
C ASP D 19 27.53 -12.61 3.13
N GLU D 20 26.72 -11.55 3.11
CA GLU D 20 25.28 -11.66 2.89
C GLU D 20 25.01 -12.38 1.57
N PRO D 21 24.28 -13.50 1.63
CA PRO D 21 24.10 -14.27 0.40
C PRO D 21 22.95 -13.76 -0.47
N GLY D 22 22.09 -12.92 0.12
CA GLY D 22 20.89 -12.45 -0.56
C GLY D 22 19.91 -13.60 -0.80
N TYR D 23 18.94 -13.38 -1.67
CA TYR D 23 17.87 -14.35 -1.90
C TYR D 23 17.81 -14.87 -3.33
N ASP D 24 17.53 -16.15 -3.49
CA ASP D 24 17.16 -16.74 -4.78
C ASP D 24 16.02 -15.91 -5.42
N LEU D 25 16.16 -15.62 -6.70
CA LEU D 25 15.17 -14.81 -7.43
C LEU D 25 13.81 -15.51 -7.50
N ASP D 26 13.82 -16.83 -7.50
CA ASP D 26 12.62 -17.64 -7.63
CA ASP D 26 12.62 -17.64 -7.63
C ASP D 26 11.68 -17.53 -6.42
N LEU D 27 12.16 -16.88 -5.37
CA LEU D 27 11.34 -16.74 -4.17
C LEU D 27 10.50 -15.46 -4.21
N PHE D 28 10.74 -14.61 -5.21
CA PHE D 28 10.06 -13.32 -5.31
C PHE D 28 9.43 -13.11 -6.67
N ALA D 29 8.60 -12.08 -6.77
CA ALA D 29 8.10 -11.68 -8.07
C ALA D 29 9.13 -10.74 -8.71
N ILE D 30 9.64 -11.14 -9.88
CA ILE D 30 10.70 -10.42 -10.59
C ILE D 30 10.22 -10.11 -12.01
N PRO D 31 10.46 -8.89 -12.51
CA PRO D 31 10.07 -8.68 -13.91
C PRO D 31 10.86 -9.61 -14.85
N ASN D 32 10.17 -10.23 -15.81
CA ASN D 32 10.81 -11.20 -16.70
C ASN D 32 11.96 -10.63 -17.51
N HIS D 33 11.92 -9.34 -17.86
CA HIS D 33 12.96 -8.80 -18.74
C HIS D 33 14.30 -8.72 -18.01
N TYR D 34 14.30 -8.88 -16.69
CA TYR D 34 15.54 -8.89 -15.91
C TYR D 34 15.90 -10.27 -15.33
N ALA D 35 15.16 -11.30 -15.72
CA ALA D 35 15.32 -12.65 -15.18
C ALA D 35 16.77 -13.18 -15.18
N GLU D 36 17.50 -12.96 -16.26
CA GLU D 36 18.86 -13.49 -16.38
CA GLU D 36 18.86 -13.47 -16.40
C GLU D 36 19.91 -12.45 -15.98
N ASP D 37 19.47 -11.22 -15.73
CA ASP D 37 20.37 -10.10 -15.53
C ASP D 37 20.69 -9.85 -14.06
N LEU D 38 20.07 -10.60 -13.18
CA LEU D 38 20.25 -10.43 -11.74
C LEU D 38 20.80 -11.70 -11.11
N GLU D 39 21.67 -11.52 -10.12
CA GLU D 39 22.30 -12.66 -9.46
C GLU D 39 21.48 -13.09 -8.23
N ARG D 40 21.14 -12.12 -7.37
CA ARG D 40 20.34 -12.35 -6.16
C ARG D 40 19.50 -11.13 -5.82
N VAL D 41 18.38 -11.33 -5.12
CA VAL D 41 17.73 -10.22 -4.45
C VAL D 41 18.53 -9.91 -3.19
N PHE D 42 18.84 -8.64 -2.98
CA PHE D 42 19.77 -8.24 -1.93
C PHE D 42 19.04 -7.58 -0.77
N ILE D 43 18.15 -6.65 -1.10
CA ILE D 43 17.26 -6.05 -0.12
C ILE D 43 15.85 -6.02 -0.69
N PRO D 44 14.98 -6.88 -0.16
CA PRO D 44 13.57 -6.89 -0.59
C PRO D 44 12.90 -5.52 -0.44
N HIS D 45 12.12 -5.14 -1.45
CA HIS D 45 11.35 -3.90 -1.44
C HIS D 45 10.62 -3.66 -0.11
N GLY D 46 9.95 -4.69 0.38
CA GLY D 46 9.18 -4.54 1.59
C GLY D 46 10.04 -4.16 2.77
N LEU D 47 11.26 -4.70 2.82
CA LEU D 47 12.19 -4.34 3.90
C LEU D 47 12.65 -2.88 3.77
N ILE D 48 12.88 -2.44 2.55
CA ILE D 48 13.17 -1.02 2.32
C ILE D 48 12.03 -0.17 2.90
N MET D 49 10.78 -0.60 2.65
CA MET D 49 9.61 0.16 3.12
C MET D 49 9.55 0.21 4.65
N ASP D 50 9.77 -0.93 5.31
CA ASP D 50 9.72 -0.96 6.77
C ASP D 50 10.79 -0.04 7.37
N ARG D 51 11.97 -0.04 6.76
CA ARG D 51 13.05 0.77 7.30
C ARG D 51 12.78 2.25 7.04
N THR D 52 12.21 2.54 5.88
CA THR D 52 11.88 3.93 5.51
C THR D 52 10.79 4.48 6.45
N GLU D 53 9.86 3.62 6.86
CA GLU D 53 8.85 4.05 7.82
C GLU D 53 9.50 4.56 9.10
N ARG D 54 10.50 3.83 9.62
CA ARG D 54 11.16 4.28 10.85
C ARG D 54 11.95 5.57 10.57
N LEU D 55 12.68 5.64 9.45
CA LEU D 55 13.40 6.86 9.10
C LEU D 55 12.49 8.09 9.04
N ALA D 56 11.29 7.95 8.49
CA ALA D 56 10.38 9.10 8.44
C ALA D 56 10.11 9.64 9.85
N ARG D 57 9.90 8.74 10.81
CA ARG D 57 9.72 9.13 12.20
C ARG D 57 10.96 9.83 12.78
N ASP D 58 12.15 9.28 12.52
CA ASP D 58 13.41 9.93 12.93
C ASP D 58 13.55 11.32 12.30
N VAL D 59 13.22 11.43 11.02
CA VAL D 59 13.29 12.73 10.34
C VAL D 59 12.37 13.74 11.01
N MET D 60 11.14 13.35 11.31
CA MET D 60 10.21 14.31 11.91
C MET D 60 10.60 14.65 13.34
N LYS D 61 11.25 13.72 14.02
CA LYS D 61 11.73 14.00 15.37
C LYS D 61 12.78 15.11 15.36
N GLU D 62 13.68 15.05 14.40
CA GLU D 62 14.80 15.99 14.33
C GLU D 62 14.46 17.28 13.60
N MET D 63 13.59 17.19 12.60
CA MET D 63 13.41 18.28 11.64
C MET D 63 12.00 18.87 11.61
N GLY D 64 11.07 18.27 12.37
CA GLY D 64 9.68 18.69 12.33
C GLY D 64 9.34 19.98 13.05
N GLY D 65 10.36 20.67 13.56
CA GLY D 65 10.12 21.89 14.31
C GLY D 65 9.89 23.12 13.44
N HIS D 66 10.28 23.02 12.17
CA HIS D 66 10.25 24.17 11.28
C HIS D 66 10.06 23.73 9.83
N HIS D 67 9.58 24.64 8.98
CA HIS D 67 9.36 24.36 7.54
C HIS D 67 10.49 23.51 6.95
N ILE D 68 10.12 22.36 6.38
CA ILE D 68 11.08 21.46 5.76
C ILE D 68 11.08 21.65 4.24
N VAL D 69 12.27 21.79 3.67
CA VAL D 69 12.42 21.70 2.22
C VAL D 69 13.08 20.36 1.91
N ALA D 70 12.35 19.49 1.22
CA ALA D 70 12.91 18.18 0.87
C ALA D 70 13.51 18.23 -0.55
N LEU D 71 14.80 17.94 -0.63
CA LEU D 71 15.53 18.08 -1.88
C LEU D 71 15.92 16.71 -2.43
N CYS D 72 15.33 16.33 -3.55
CA CYS D 72 15.62 15.03 -4.16
C CYS D 72 16.83 15.09 -5.09
N VAL D 73 17.82 14.22 -4.87
CA VAL D 73 18.95 14.13 -5.79
C VAL D 73 18.63 13.08 -6.86
N LEU D 74 18.23 13.58 -8.03
CA LEU D 74 17.92 12.75 -9.19
C LEU D 74 19.16 12.12 -9.79
N LYS D 75 19.03 11.02 -10.54
CA LYS D 75 17.78 10.28 -10.70
C LYS D 75 17.60 9.24 -9.61
N GLY D 76 18.71 8.71 -9.12
CA GLY D 76 18.69 7.60 -8.18
C GLY D 76 17.85 7.81 -6.94
N GLY D 77 17.73 9.07 -6.50
CA GLY D 77 17.06 9.36 -5.26
C GLY D 77 15.54 9.34 -5.33
N TYR D 78 14.97 9.23 -6.55
CA TYR D 78 13.56 9.52 -6.74
C TYR D 78 12.60 8.55 -6.01
N LYS D 79 12.90 7.26 -5.98
CA LYS D 79 11.98 6.32 -5.31
C LYS D 79 12.01 6.48 -3.78
N PHE D 80 13.22 6.46 -3.21
CA PHE D 80 13.41 6.69 -1.79
C PHE D 80 12.76 8.01 -1.35
N PHE D 81 12.95 9.04 -2.17
CA PHE D 81 12.35 10.35 -1.93
C PHE D 81 10.83 10.25 -1.88
N ALA D 82 10.22 9.66 -2.90
CA ALA D 82 8.76 9.59 -2.95
C ALA D 82 8.22 8.81 -1.77
N ASP D 83 8.88 7.69 -1.43
CA ASP D 83 8.37 6.85 -0.35
C ASP D 83 8.59 7.46 1.04
N LEU D 84 9.79 8.00 1.25
CA LEU D 84 10.11 8.70 2.49
C LEU D 84 9.11 9.83 2.72
N LEU D 85 8.88 10.63 1.68
CA LEU D 85 7.95 11.75 1.86
C LEU D 85 6.53 11.25 2.12
N ASP D 86 6.17 10.11 1.53
CA ASP D 86 4.84 9.56 1.74
C ASP D 86 4.66 9.15 3.19
N TYR D 87 5.71 8.58 3.78
CA TYR D 87 5.63 8.20 5.19
C TYR D 87 5.61 9.43 6.08
N ILE D 88 6.39 10.44 5.71
CA ILE D 88 6.37 11.71 6.43
C ILE D 88 4.98 12.35 6.36
N LYS D 89 4.37 12.37 5.18
CA LYS D 89 3.02 12.90 5.05
C LYS D 89 2.01 12.10 5.88
N ALA D 90 2.18 10.79 5.95
CA ALA D 90 1.29 9.97 6.78
C ALA D 90 1.39 10.41 8.24
N LEU D 91 2.60 10.67 8.71
CA LEU D 91 2.79 11.17 10.07
C LEU D 91 2.07 12.50 10.29
N ASN D 92 2.19 13.38 9.30
CA ASN D 92 1.69 14.74 9.44
C ASN D 92 0.18 14.88 9.42
N ARG D 93 -0.54 13.87 8.93
CA ARG D 93 -2.00 13.96 8.84
C ARG D 93 -2.69 13.07 9.86
N ASN D 94 -1.92 12.46 10.74
CA ASN D 94 -2.47 11.61 11.78
C ASN D 94 -1.92 11.98 13.15
N SER D 95 -1.22 13.11 13.20
CA SER D 95 -0.67 13.64 14.43
C SER D 95 -1.32 14.98 14.74
N ASP D 96 -1.15 15.46 15.96
CA ASP D 96 -1.59 16.79 16.31
C ASP D 96 -0.66 17.82 15.68
N ARG D 97 0.64 17.65 15.90
CA ARG D 97 1.65 18.55 15.36
C ARG D 97 2.02 18.19 13.92
N SER D 98 2.04 19.19 13.05
CA SER D 98 2.55 19.03 11.69
C SER D 98 3.25 20.31 11.25
N ILE D 99 3.99 20.23 10.16
CA ILE D 99 4.70 21.39 9.64
CA ILE D 99 4.77 21.34 9.65
C ILE D 99 4.69 21.36 8.12
N PRO D 100 4.67 22.56 7.50
CA PRO D 100 4.65 22.51 6.04
C PRO D 100 5.95 21.95 5.46
N MET D 101 5.83 21.34 4.28
CA MET D 101 6.99 20.80 3.59
C MET D 101 6.87 21.17 2.13
N THR D 102 7.95 21.69 1.56
CA THR D 102 7.98 21.96 0.13
C THR D 102 9.02 21.04 -0.49
N VAL D 103 9.00 20.91 -1.80
CA VAL D 103 9.88 19.95 -2.45
C VAL D 103 10.63 20.57 -3.60
N ASP D 104 11.84 20.07 -3.84
CA ASP D 104 12.59 20.46 -5.01
C ASP D 104 13.43 19.26 -5.47
N PHE D 105 13.95 19.36 -6.70
CA PHE D 105 14.69 18.29 -7.34
C PHE D 105 15.95 18.85 -7.98
N ILE D 106 17.09 18.22 -7.72
CA ILE D 106 18.30 18.65 -8.40
C ILE D 106 19.01 17.44 -8.98
N ARG D 107 19.87 17.70 -9.95
CA ARG D 107 20.71 16.68 -10.53
C ARG D 107 22.12 17.23 -10.47
N LEU D 108 23.10 16.35 -10.25
CA LEU D 108 24.48 16.79 -10.15
C LEU D 108 25.27 16.21 -11.31
N LYS D 109 25.93 17.07 -12.07
CA LYS D 109 26.66 16.64 -13.27
C LYS D 109 28.10 17.16 -13.27
N ASP D 119 34.37 20.65 -11.22
CA ASP D 119 33.90 19.28 -11.30
C ASP D 119 32.37 19.21 -11.31
N ILE D 120 31.77 19.14 -10.12
CA ILE D 120 30.31 19.02 -10.00
C ILE D 120 29.59 20.37 -10.07
N LYS D 121 28.48 20.40 -10.81
CA LYS D 121 27.59 21.55 -10.74
C LYS D 121 26.14 21.09 -10.65
N VAL D 122 25.33 21.89 -9.98
CA VAL D 122 23.94 21.59 -9.76
C VAL D 122 23.14 21.87 -11.03
N ILE D 123 22.37 20.89 -11.47
CA ILE D 123 21.49 21.05 -12.62
C ILE D 123 20.04 21.12 -12.19
N GLY D 124 19.35 22.16 -12.64
CA GLY D 124 17.94 22.32 -12.32
C GLY D 124 17.77 22.87 -10.92
N GLY D 125 16.59 22.63 -10.34
CA GLY D 125 16.30 23.09 -9.00
C GLY D 125 15.83 24.54 -8.96
N ASP D 126 15.17 24.91 -7.86
CA ASP D 126 14.82 26.31 -7.61
C ASP D 126 16.09 27.10 -7.32
N ASP D 127 15.98 28.42 -7.35
CA ASP D 127 17.03 29.27 -6.80
C ASP D 127 17.23 28.84 -5.36
N LEU D 128 18.48 28.58 -4.99
CA LEU D 128 18.76 28.02 -3.68
C LEU D 128 18.57 29.02 -2.55
N SER D 129 18.26 30.27 -2.89
CA SER D 129 17.88 31.24 -1.86
C SER D 129 16.56 30.79 -1.21
N THR D 130 15.85 29.87 -1.86
CA THR D 130 14.66 29.28 -1.26
C THR D 130 14.97 28.38 -0.07
N LEU D 131 16.25 28.05 0.12
CA LEU D 131 16.65 27.19 1.23
C LEU D 131 16.92 28.01 2.51
N THR D 132 17.09 29.32 2.36
CA THR D 132 17.46 30.17 3.51
C THR D 132 16.41 30.13 4.61
N GLY D 133 16.86 29.88 5.83
CA GLY D 133 15.99 29.78 6.99
C GLY D 133 15.13 28.53 7.10
N LYS D 134 15.33 27.56 6.22
CA LYS D 134 14.50 26.35 6.25
C LYS D 134 15.25 25.13 6.76
N ASN D 135 14.51 24.12 7.19
CA ASN D 135 15.12 22.84 7.52
C ASN D 135 15.24 22.01 6.26
N VAL D 136 16.46 21.90 5.73
CA VAL D 136 16.67 21.27 4.43
C VAL D 136 17.02 19.79 4.58
N LEU D 137 16.23 18.93 3.95
CA LEU D 137 16.51 17.49 3.95
C LEU D 137 16.93 17.06 2.56
N ILE D 138 18.22 16.72 2.40
CA ILE D 138 18.70 16.20 1.13
C ILE D 138 18.49 14.69 1.11
N VAL D 139 17.92 14.18 0.03
CA VAL D 139 17.59 12.74 -0.03
C VAL D 139 18.37 12.06 -1.16
N GLU D 140 19.18 11.06 -0.81
CA GLU D 140 20.01 10.33 -1.77
C GLU D 140 19.69 8.85 -1.81
N ASP D 141 20.05 8.19 -2.92
CA ASP D 141 19.99 6.73 -3.00
C ASP D 141 21.18 6.07 -2.29
N ILE D 142 22.39 6.60 -2.51
CA ILE D 142 23.56 5.94 -1.94
C ILE D 142 24.73 6.89 -1.73
N ILE D 143 25.44 6.68 -0.62
CA ILE D 143 26.71 7.32 -0.33
C ILE D 143 27.79 6.27 -0.55
N ASP D 144 28.76 6.60 -1.39
CA ASP D 144 29.88 5.71 -1.64
C ASP D 144 31.17 6.36 -1.13
N THR D 145 31.82 7.18 -1.96
CA THR D 145 33.00 7.92 -1.51
C THR D 145 32.60 9.05 -0.58
N GLY D 146 31.40 9.57 -0.76
CA GLY D 146 30.94 10.73 -0.01
C GLY D 146 31.31 12.07 -0.61
N LYS D 147 32.06 12.07 -1.72
CA LYS D 147 32.50 13.33 -2.32
C LYS D 147 31.34 14.17 -2.86
N THR D 148 30.35 13.51 -3.47
CA THR D 148 29.17 14.21 -4.00
C THR D 148 28.41 14.95 -2.91
N MET D 149 28.21 14.32 -1.76
CA MET D 149 27.49 14.96 -0.67
CA MET D 149 27.46 15.01 -0.72
C MET D 149 28.29 16.10 -0.05
N GLN D 150 29.61 15.90 0.11
CA GLN D 150 30.50 16.93 0.65
CA GLN D 150 30.42 16.95 0.70
C GLN D 150 30.39 18.18 -0.21
N THR D 151 30.37 17.96 -1.51
CA THR D 151 30.27 19.05 -2.48
C THR D 151 28.90 19.75 -2.39
N LEU D 152 27.81 18.98 -2.37
CA LEU D 152 26.48 19.58 -2.30
C LEU D 152 26.26 20.36 -1.01
N LEU D 153 26.63 19.76 0.12
CA LEU D 153 26.55 20.44 1.42
C LEU D 153 27.26 21.79 1.44
N SER D 154 28.49 21.86 0.92
CA SER D 154 29.24 23.10 0.92
CA SER D 154 29.25 23.10 0.90
C SER D 154 28.50 24.20 0.13
N LEU D 155 27.83 23.82 -0.94
CA LEU D 155 27.01 24.77 -1.70
CA LEU D 155 27.01 24.76 -1.69
C LEU D 155 25.81 25.23 -0.86
N VAL D 156 25.00 24.26 -0.43
CA VAL D 156 23.79 24.51 0.36
C VAL D 156 24.03 25.40 1.58
N ARG D 157 25.08 25.14 2.36
CA ARG D 157 25.35 25.95 3.55
C ARG D 157 25.58 27.44 3.29
N GLN D 158 25.95 27.77 2.07
CA GLN D 158 26.17 29.18 1.74
C GLN D 158 24.86 29.97 1.67
N TYR D 159 23.74 29.27 1.63
CA TYR D 159 22.46 29.95 1.59
C TYR D 159 21.80 30.01 2.97
N ASN D 160 22.60 29.71 3.99
CA ASN D 160 22.14 29.76 5.39
C ASN D 160 20.81 29.06 5.65
N PRO D 161 20.73 27.73 5.45
CA PRO D 161 19.51 27.04 5.89
C PRO D 161 19.45 27.03 7.41
N LYS D 162 18.28 26.84 7.99
CA LYS D 162 18.17 26.73 9.43
C LYS D 162 18.93 25.49 9.90
N MET D 163 18.80 24.42 9.12
CA MET D 163 19.58 23.21 9.29
C MET D 163 19.66 22.49 7.96
N VAL D 164 20.68 21.66 7.79
CA VAL D 164 20.67 20.79 6.62
C VAL D 164 21.12 19.40 7.03
N LYS D 165 20.33 18.41 6.63
CA LYS D 165 20.56 17.02 6.97
C LYS D 165 20.48 16.17 5.71
N VAL D 166 21.14 15.02 5.73
CA VAL D 166 21.11 14.13 4.59
C VAL D 166 20.53 12.77 4.97
N ALA D 167 19.60 12.28 4.17
CA ALA D 167 19.08 10.93 4.35
C ALA D 167 19.45 10.14 3.13
N SER D 168 20.10 8.99 3.34
CA SER D 168 20.53 8.15 2.23
C SER D 168 20.00 6.75 2.45
N LEU D 169 19.33 6.21 1.44
CA LEU D 169 18.88 4.82 1.54
C LEU D 169 20.01 3.88 1.92
N LEU D 170 21.11 4.01 1.18
CA LEU D 170 22.24 3.09 1.31
C LEU D 170 23.54 3.80 1.63
N VAL D 171 24.35 3.20 2.50
CA VAL D 171 25.73 3.64 2.70
C VAL D 171 26.68 2.48 2.47
N LYS D 172 27.64 2.65 1.57
CA LYS D 172 28.56 1.58 1.21
C LYS D 172 29.79 1.57 2.11
N ARG D 173 30.17 0.39 2.61
CA ARG D 173 31.45 0.23 3.30
C ARG D 173 32.56 0.14 2.28
N THR D 174 33.42 1.14 2.25
CA THR D 174 34.45 1.20 1.23
C THR D 174 35.71 1.91 1.72
N PRO D 175 36.89 1.42 1.28
CA PRO D 175 38.14 2.08 1.64
C PRO D 175 38.30 3.41 0.91
N ARG D 176 37.39 3.69 -0.02
CA ARG D 176 37.44 4.91 -0.80
C ARG D 176 36.67 6.02 -0.13
N SER D 177 36.11 5.74 1.05
CA SER D 177 35.34 6.74 1.77
C SER D 177 36.24 7.88 2.26
N VAL D 178 35.74 9.10 2.09
CA VAL D 178 36.44 10.30 2.55
C VAL D 178 36.12 10.58 4.01
N GLY D 179 35.24 9.76 4.60
CA GLY D 179 34.87 9.91 5.99
C GLY D 179 33.48 10.51 6.20
N TYR D 180 32.81 10.91 5.13
CA TYR D 180 31.47 11.50 5.29
C TYR D 180 30.38 10.47 5.59
N LYS D 181 29.57 10.77 6.61
CA LYS D 181 28.45 9.93 7.01
C LYS D 181 27.15 10.75 7.07
N PRO D 182 26.07 10.22 6.48
CA PRO D 182 24.82 10.99 6.47
C PRO D 182 24.10 10.93 7.81
N ASP D 183 23.06 11.73 7.97
CA ASP D 183 22.34 11.87 9.24
C ASP D 183 21.31 10.78 9.43
N PHE D 184 20.78 10.30 8.31
CA PHE D 184 19.81 9.21 8.33
C PHE D 184 20.26 8.17 7.32
N VAL D 185 20.27 6.90 7.73
CA VAL D 185 20.74 5.80 6.88
CA VAL D 185 20.74 5.81 6.89
C VAL D 185 19.77 4.64 6.87
N GLY D 186 19.36 4.21 5.68
CA GLY D 186 18.52 3.04 5.57
C GLY D 186 19.33 1.79 5.89
N PHE D 187 20.30 1.48 5.01
CA PHE D 187 21.08 0.25 5.09
C PHE D 187 22.56 0.51 4.88
N GLU D 188 23.41 -0.18 5.64
CA GLU D 188 24.84 -0.13 5.39
C GLU D 188 25.25 -1.39 4.66
N ILE D 189 25.80 -1.25 3.45
CA ILE D 189 26.01 -2.42 2.60
C ILE D 189 27.49 -2.65 2.32
N PRO D 190 27.86 -3.88 1.89
CA PRO D 190 29.22 -4.19 1.45
C PRO D 190 29.62 -3.44 0.20
N ASP D 191 30.89 -3.50 -0.14
CA ASP D 191 31.41 -2.89 -1.35
C ASP D 191 31.06 -3.75 -2.57
N LYS D 192 29.78 -3.68 -2.95
CA LYS D 192 29.17 -4.45 -4.05
C LYS D 192 28.33 -3.52 -4.93
N PHE D 193 28.25 -3.80 -6.23
CA PHE D 193 27.43 -2.94 -7.08
C PHE D 193 25.97 -3.42 -7.09
N VAL D 194 25.10 -2.59 -6.55
CA VAL D 194 23.69 -2.95 -6.45
C VAL D 194 22.86 -2.12 -7.41
N VAL D 195 21.69 -2.65 -7.78
CA VAL D 195 20.76 -1.96 -8.68
C VAL D 195 19.34 -2.16 -8.14
N GLY D 196 18.37 -1.45 -8.69
CA GLY D 196 17.00 -1.61 -8.28
C GLY D 196 16.58 -0.48 -7.38
N TYR D 197 15.25 -0.32 -7.23
CA TYR D 197 14.68 0.77 -6.43
C TYR D 197 15.29 2.11 -6.85
N ALA D 198 15.30 2.33 -8.17
CA ALA D 198 15.78 3.53 -8.87
C ALA D 198 17.31 3.61 -8.98
N LEU D 199 18.05 2.69 -8.35
CA LEU D 199 19.49 2.60 -8.60
C LEU D 199 19.77 1.88 -9.92
N ASP D 200 20.63 2.47 -10.76
CA ASP D 200 20.75 1.99 -12.13
C ASP D 200 22.12 1.46 -12.49
N TYR D 201 22.15 0.71 -13.58
CA TYR D 201 23.37 0.39 -14.30
C TYR D 201 23.12 0.86 -15.72
N ASN D 202 23.83 1.92 -16.15
CA ASN D 202 23.63 2.53 -17.46
CA ASN D 202 23.62 2.52 -17.47
C ASN D 202 22.14 2.77 -17.76
N GLU D 203 21.44 3.30 -16.77
CA GLU D 203 20.03 3.71 -16.84
C GLU D 203 19.02 2.58 -16.69
N TYR D 204 19.49 1.34 -16.79
CA TYR D 204 18.63 0.17 -16.59
C TYR D 204 18.50 -0.19 -15.13
N PHE D 205 17.46 -0.97 -14.83
CA PHE D 205 17.15 -1.53 -13.50
C PHE D 205 16.51 -0.53 -12.54
N ARG D 206 16.22 0.69 -13.00
CA ARG D 206 15.50 1.63 -12.14
C ARG D 206 14.08 1.10 -11.96
N ASP D 207 13.57 0.41 -12.98
CA ASP D 207 12.22 -0.17 -12.98
C ASP D 207 12.16 -1.55 -12.31
N LEU D 208 12.56 -1.59 -11.05
CA LEU D 208 12.69 -2.83 -10.29
C LEU D 208 12.44 -2.46 -8.84
N ASN D 209 11.55 -3.15 -8.14
CA ASN D 209 11.22 -2.68 -6.81
C ASN D 209 12.24 -3.10 -5.74
N HIS D 210 12.92 -4.23 -5.94
CA HIS D 210 13.90 -4.71 -4.97
C HIS D 210 15.26 -4.13 -5.27
N VAL D 211 16.11 -4.04 -4.25
CA VAL D 211 17.53 -3.86 -4.53
C VAL D 211 18.15 -5.25 -4.77
N ALA D 212 18.92 -5.37 -5.86
CA ALA D 212 19.51 -6.62 -6.29
C ALA D 212 20.97 -6.45 -6.68
N VAL D 213 21.65 -7.58 -6.84
CA VAL D 213 23.00 -7.57 -7.37
C VAL D 213 22.93 -8.05 -8.82
N ILE D 214 23.62 -7.35 -9.71
CA ILE D 214 23.56 -7.63 -11.13
C ILE D 214 24.47 -8.81 -11.50
N SER D 215 24.02 -9.67 -12.41
CA SER D 215 24.84 -10.81 -12.83
C SER D 215 25.81 -10.41 -13.96
N GLU D 216 26.72 -11.32 -14.32
CA GLU D 216 27.67 -11.06 -15.41
C GLU D 216 26.93 -10.89 -16.73
N THR D 217 25.97 -11.78 -16.97
CA THR D 217 25.08 -11.68 -18.11
C THR D 217 24.45 -10.28 -18.21
N GLY D 218 23.94 -9.79 -17.08
CA GLY D 218 23.32 -8.48 -17.03
C GLY D 218 24.31 -7.36 -17.27
N LYS D 219 25.50 -7.50 -16.69
CA LYS D 219 26.55 -6.49 -16.84
C LYS D 219 26.95 -6.37 -18.30
N ALA D 220 27.07 -7.51 -18.96
CA ALA D 220 27.45 -7.54 -20.37
C ALA D 220 26.33 -7.04 -21.28
N LYS D 221 25.09 -7.42 -20.97
CA LYS D 221 23.97 -7.04 -21.82
C LYS D 221 23.75 -5.53 -21.87
N TYR D 222 23.84 -4.87 -20.72
CA TYR D 222 23.55 -3.44 -20.65
C TYR D 222 24.79 -2.54 -20.61
N LYS D 223 25.95 -3.13 -20.87
CA LYS D 223 27.21 -2.39 -20.95
C LYS D 223 27.12 -1.25 -21.96
N ALA D 224 27.60 -0.09 -21.55
CA ALA D 224 27.61 1.07 -22.42
C ALA D 224 28.55 0.83 -23.60
#